data_4UMX
#
_entry.id   4UMX
#
_cell.length_a   81.408
_cell.length_b   81.408
_cell.length_c   305.917
_cell.angle_alpha   90.00
_cell.angle_beta   90.00
_cell.angle_gamma   90.00
#
_symmetry.space_group_name_H-M   'P 43 21 2'
#
loop_
_entity.id
_entity.type
_entity.pdbx_description
1 polymer 'ISOCITRATE DEHYDROGENASE [NADP] CYTOPLASMIC'
2 non-polymer 2,6-bis(1H-imidazol-1-ylmethyl)-4-(2,4,4-trimethylpentan-2-yl)phenol
3 non-polymer 'NADP NICOTINAMIDE-ADENINE-DINUCLEOTIDE PHOSPHATE'
4 non-polymer GLYCEROL
5 water water
#
_entity_poly.entity_id   1
_entity_poly.type   'polypeptide(L)'
_entity_poly.pdbx_seq_one_letter_code
;MSKKISGGSVVEMQGDEMTRIIWELIKEKLIFPYVELDLHSYDLGIENRDATNDQVTKDAAEAIKKHNVGVKCATITPDE
KRVEEFKLKQMWKSPNGTIRNILGGTVFREAIICKNIPRLVSGWVKPIIIGHHAYGDQYRATDFVVPGPGKVEITYTPSD
GTQKVTYLVHNFEEGGGVAMGMYNQDKSIEDFAHSSFQMALSKGWPLYLSTKNTILKKYDGRFKDIFQEIYDKQYKSQFE
AQKIWYEHRLIDDMVAQAMKSEGGFIWACKNYDGDVQSDSVAQGYGSLGMMTSVLVCPDGKTVEAEAAHGTVTRHYRMYQ
KGQETSTNPIASIFAWTRGLAHRAKLDNNKELAFFANALEEVSIETIEAGFMTKDLAACIKGLPNVQRSDYLNTFEFMDK
LGENLKIKLAQAKLSLEHHHHHHHH
;
_entity_poly.pdbx_strand_id   A,B
#
loop_
_chem_comp.id
_chem_comp.type
_chem_comp.name
_chem_comp.formula
GOL non-polymer GLYCEROL 'C3 H8 O3'
NAP non-polymer 'NADP NICOTINAMIDE-ADENINE-DINUCLEOTIDE PHOSPHATE' 'C21 H28 N7 O17 P3'
VVS non-polymer 2,6-bis(1H-imidazol-1-ylmethyl)-4-(2,4,4-trimethylpentan-2-yl)phenol 'C22 H30 N4 O'
#
# COMPACT_ATOMS: atom_id res chain seq x y z
N LYS A 3 -12.25 -41.15 -24.39
CA LYS A 3 -11.10 -41.15 -23.48
C LYS A 3 -10.78 -39.75 -22.94
N LYS A 4 -10.10 -39.69 -21.79
CA LYS A 4 -9.76 -38.43 -21.14
C LYS A 4 -8.52 -37.82 -21.80
N ILE A 5 -8.25 -36.54 -21.51
CA ILE A 5 -7.05 -35.88 -22.01
C ILE A 5 -5.83 -36.43 -21.24
N SER A 6 -4.77 -36.77 -21.98
CA SER A 6 -3.50 -37.21 -21.38
C SER A 6 -2.76 -35.90 -21.02
N GLY A 7 -2.73 -35.59 -19.72
CA GLY A 7 -2.18 -34.34 -19.20
C GLY A 7 -0.71 -34.26 -18.89
N GLY A 8 -0.05 -35.39 -18.71
CA GLY A 8 1.37 -35.37 -18.40
C GLY A 8 1.69 -35.13 -16.93
N SER A 9 2.93 -34.72 -16.65
CA SER A 9 3.48 -34.53 -15.29
C SER A 9 3.08 -33.23 -14.62
N VAL A 10 2.39 -33.35 -13.48
CA VAL A 10 2.00 -32.20 -12.66
C VAL A 10 2.38 -32.48 -11.21
N VAL A 11 3.04 -31.53 -10.55
CA VAL A 11 3.35 -31.63 -9.12
C VAL A 11 2.18 -30.95 -8.41
N GLU A 12 1.51 -31.69 -7.53
CA GLU A 12 0.37 -31.18 -6.77
C GLU A 12 0.74 -31.20 -5.29
N MET A 13 0.43 -30.11 -4.58
CA MET A 13 0.70 -30.06 -3.13
C MET A 13 -0.60 -29.85 -2.39
N GLN A 14 -1.03 -30.86 -1.59
CA GLN A 14 -2.25 -30.77 -0.80
C GLN A 14 -1.97 -29.91 0.41
N GLY A 15 -3.00 -29.25 0.89
CA GLY A 15 -2.82 -28.29 1.96
C GLY A 15 -3.69 -28.52 3.18
N ASP A 16 -4.18 -27.44 3.75
CA ASP A 16 -4.85 -27.47 5.03
C ASP A 16 -6.21 -26.85 5.08
N GLU A 17 -6.96 -27.21 6.13
CA GLU A 17 -8.23 -26.66 6.53
C GLU A 17 -9.26 -26.51 5.39
N MET A 18 -9.87 -25.32 5.22
CA MET A 18 -10.94 -25.20 4.20
C MET A 18 -10.45 -25.41 2.77
N THR A 19 -9.24 -24.93 2.47
CA THR A 19 -8.67 -25.09 1.14
C THR A 19 -8.40 -26.53 0.80
N ARG A 20 -8.06 -27.36 1.80
CA ARG A 20 -7.87 -28.79 1.57
C ARG A 20 -9.21 -29.40 1.05
N ILE A 21 -10.34 -28.98 1.63
CA ILE A 21 -11.66 -29.48 1.22
C ILE A 21 -11.99 -29.04 -0.21
N ILE A 22 -11.81 -27.74 -0.54
CA ILE A 22 -12.02 -27.19 -1.88
C ILE A 22 -11.12 -27.92 -2.91
N TRP A 23 -9.83 -28.11 -2.55
CA TRP A 23 -8.83 -28.73 -3.43
C TRP A 23 -9.30 -30.10 -3.87
N GLU A 24 -9.84 -30.90 -2.93
CA GLU A 24 -10.35 -32.23 -3.26
C GLU A 24 -11.57 -32.15 -4.15
N LEU A 25 -12.46 -31.17 -3.90
CA LEU A 25 -13.65 -30.96 -4.74
C LEU A 25 -13.25 -30.59 -6.16
N ILE A 26 -12.25 -29.72 -6.29
CA ILE A 26 -11.76 -29.31 -7.64
C ILE A 26 -11.26 -30.53 -8.40
N LYS A 27 -10.39 -31.33 -7.78
CA LYS A 27 -9.88 -32.53 -8.44
C LYS A 27 -11.00 -33.50 -8.81
N GLU A 28 -11.90 -33.78 -7.87
CA GLU A 28 -12.98 -34.75 -8.12
C GLU A 28 -14.02 -34.30 -9.12
N LYS A 29 -14.39 -33.01 -9.11
CA LYS A 29 -15.46 -32.48 -9.97
C LYS A 29 -15.02 -31.85 -11.25
N LEU A 30 -13.85 -31.22 -11.25
CA LEU A 30 -13.41 -30.45 -12.40
C LEU A 30 -12.23 -30.97 -13.17
N ILE A 31 -11.27 -31.65 -12.49
CA ILE A 31 -10.06 -32.07 -13.18
C ILE A 31 -10.10 -33.52 -13.62
N PHE A 32 -10.23 -34.43 -12.65
CA PHE A 32 -10.19 -35.90 -12.85
C PHE A 32 -11.24 -36.45 -13.83
N PRO A 33 -12.48 -35.92 -13.92
CA PRO A 33 -13.41 -36.47 -14.95
C PRO A 33 -12.96 -36.21 -16.39
N TYR A 34 -12.00 -35.28 -16.61
CA TYR A 34 -11.57 -34.87 -17.96
C TYR A 34 -10.13 -35.09 -18.32
N VAL A 35 -9.23 -35.12 -17.31
CA VAL A 35 -7.80 -35.16 -17.54
C VAL A 35 -7.16 -36.27 -16.70
N GLU A 36 -6.29 -37.07 -17.33
CA GLU A 36 -5.47 -38.08 -16.68
C GLU A 36 -4.09 -37.49 -16.50
N LEU A 37 -3.59 -37.48 -15.25
CA LEU A 37 -2.28 -36.91 -14.99
C LEU A 37 -1.33 -37.90 -14.41
N ASP A 38 -0.05 -37.72 -14.71
CA ASP A 38 1.04 -38.45 -14.07
C ASP A 38 1.27 -37.53 -12.88
N LEU A 39 0.47 -37.74 -11.86
CA LEU A 39 0.42 -36.86 -10.71
C LEU A 39 1.48 -37.14 -9.67
N HIS A 40 2.34 -36.14 -9.43
CA HIS A 40 3.39 -36.22 -8.40
C HIS A 40 2.79 -35.46 -7.22
N SER A 41 2.07 -36.20 -6.36
CA SER A 41 1.30 -35.60 -5.27
C SER A 41 2.05 -35.59 -3.94
N TYR A 42 2.14 -34.40 -3.30
CA TYR A 42 2.81 -34.25 -2.00
C TYR A 42 1.80 -33.72 -1.01
N ASP A 43 1.78 -34.32 0.18
CA ASP A 43 0.84 -33.89 1.19
C ASP A 43 1.52 -32.89 2.10
N LEU A 44 1.21 -31.60 1.87
CA LEU A 44 1.76 -30.53 2.70
C LEU A 44 0.81 -30.13 3.84
N GLY A 45 -0.11 -31.03 4.21
CA GLY A 45 -0.95 -30.87 5.38
C GLY A 45 -0.03 -30.67 6.58
N ILE A 46 -0.41 -29.83 7.55
CA ILE A 46 0.44 -29.56 8.72
C ILE A 46 0.88 -30.83 9.47
N GLU A 47 -0.05 -31.79 9.64
CA GLU A 47 0.24 -33.04 10.37
C GLU A 47 1.29 -33.86 9.66
N ASN A 48 1.22 -33.90 8.31
CA ASN A 48 2.22 -34.62 7.50
C ASN A 48 3.57 -33.90 7.48
N ARG A 49 3.57 -32.56 7.45
CA ARG A 49 4.84 -31.85 7.52
C ARG A 49 5.49 -32.13 8.89
N ASP A 50 4.67 -32.15 9.95
CA ASP A 50 5.22 -32.41 11.31
C ASP A 50 5.76 -33.85 11.41
N ALA A 51 5.00 -34.83 10.90
CA ALA A 51 5.38 -36.25 10.91
C ALA A 51 6.65 -36.51 10.10
N THR A 52 6.86 -35.77 8.98
CA THR A 52 8.04 -35.99 8.14
C THR A 52 9.19 -35.04 8.47
N ASN A 53 9.08 -34.27 9.54
CA ASN A 53 10.08 -33.24 9.92
C ASN A 53 10.31 -32.24 8.79
N ASP A 54 9.19 -31.92 8.10
CA ASP A 54 9.14 -30.99 6.95
C ASP A 54 9.85 -31.52 5.71
N GLN A 55 10.27 -32.80 5.68
CA GLN A 55 10.94 -33.35 4.51
C GLN A 55 10.01 -33.32 3.27
N VAL A 56 8.69 -33.50 3.48
CA VAL A 56 7.71 -33.50 2.37
C VAL A 56 7.77 -32.18 1.57
N THR A 57 7.94 -31.04 2.27
CA THR A 57 7.99 -29.71 1.64
C THR A 57 9.22 -29.61 0.73
N LYS A 58 10.39 -30.03 1.26
CA LYS A 58 11.62 -30.01 0.48
C LYS A 58 11.53 -30.91 -0.74
N ASP A 59 10.93 -32.11 -0.58
CA ASP A 59 10.76 -33.05 -1.69
C ASP A 59 9.80 -32.49 -2.75
N ALA A 60 8.73 -31.80 -2.31
CA ALA A 60 7.77 -31.20 -3.27
C ALA A 60 8.51 -30.11 -4.08
N ALA A 61 9.35 -29.28 -3.41
CA ALA A 61 10.09 -28.22 -4.12
C ALA A 61 11.03 -28.81 -5.17
N GLU A 62 11.70 -29.91 -4.82
CA GLU A 62 12.60 -30.58 -5.76
C GLU A 62 11.83 -31.18 -6.94
N ALA A 63 10.60 -31.71 -6.69
CA ALA A 63 9.74 -32.25 -7.74
C ALA A 63 9.31 -31.15 -8.71
N ILE A 64 9.00 -29.93 -8.21
CA ILE A 64 8.63 -28.83 -9.12
C ILE A 64 9.83 -28.48 -10.01
N LYS A 65 11.03 -28.43 -9.43
CA LYS A 65 12.26 -28.12 -10.18
C LYS A 65 12.48 -29.18 -11.28
N LYS A 66 12.19 -30.45 -11.00
CA LYS A 66 12.32 -31.54 -11.98
C LYS A 66 11.23 -31.53 -13.06
N HIS A 67 9.97 -31.37 -12.64
CA HIS A 67 8.82 -31.49 -13.54
C HIS A 67 8.27 -30.18 -14.13
N ASN A 68 8.78 -29.03 -13.66
CA ASN A 68 8.47 -27.67 -14.18
C ASN A 68 7.08 -27.13 -13.87
N VAL A 69 6.16 -27.96 -13.36
CA VAL A 69 4.79 -27.48 -13.10
C VAL A 69 4.38 -27.86 -11.70
N GLY A 70 4.07 -26.85 -10.90
CA GLY A 70 3.60 -27.01 -9.52
C GLY A 70 2.25 -26.33 -9.33
N VAL A 71 1.32 -27.01 -8.66
CA VAL A 71 -0.01 -26.46 -8.30
C VAL A 71 -0.16 -26.71 -6.79
N LYS A 72 -0.23 -25.62 -6.00
CA LYS A 72 -0.21 -25.73 -4.55
C LYS A 72 -1.47 -25.21 -3.85
N CYS A 73 -1.98 -26.03 -2.90
CA CYS A 73 -3.10 -25.69 -2.05
C CYS A 73 -2.57 -24.83 -0.88
N ALA A 74 -3.37 -23.86 -0.36
CA ALA A 74 -2.92 -23.06 0.80
C ALA A 74 -2.56 -23.95 2.01
N THR A 75 -1.52 -23.56 2.77
CA THR A 75 -1.04 -24.31 3.91
C THR A 75 -0.97 -23.45 5.17
N ILE A 76 -1.04 -24.08 6.32
CA ILE A 76 -0.88 -23.37 7.60
C ILE A 76 0.59 -23.00 7.80
N THR A 77 0.86 -21.72 8.09
CA THR A 77 2.21 -21.32 8.48
C THR A 77 2.20 -21.30 10.03
N PRO A 78 2.95 -22.22 10.67
CA PRO A 78 2.92 -22.31 12.14
C PRO A 78 3.33 -21.01 12.83
N ASP A 79 2.66 -20.72 13.92
CA ASP A 79 2.94 -19.63 14.87
C ASP A 79 2.77 -20.30 16.24
N GLU A 80 2.87 -19.55 17.37
CA GLU A 80 2.73 -20.14 18.70
C GLU A 80 1.45 -20.90 18.93
N LYS A 81 0.29 -20.32 18.52
CA LYS A 81 -1.02 -20.95 18.67
C LYS A 81 -1.10 -22.26 17.88
N ARG A 82 -0.53 -22.31 16.66
CA ARG A 82 -0.55 -23.55 15.87
C ARG A 82 0.29 -24.63 16.53
N VAL A 83 1.47 -24.26 17.07
CA VAL A 83 2.38 -25.20 17.77
C VAL A 83 1.56 -25.87 18.88
N GLU A 84 0.81 -25.07 19.67
CA GLU A 84 -0.03 -25.61 20.74
C GLU A 84 -1.21 -26.42 20.21
N GLU A 85 -1.86 -25.96 19.11
CA GLU A 85 -3.03 -26.64 18.52
C GLU A 85 -2.70 -28.04 18.00
N PHE A 86 -1.56 -28.19 17.30
CA PHE A 86 -1.15 -29.48 16.72
C PHE A 86 -0.05 -30.19 17.50
N LYS A 87 0.43 -29.61 18.63
CA LYS A 87 1.55 -30.16 19.42
C LYS A 87 2.74 -30.37 18.48
N LEU A 88 3.05 -29.33 17.68
CA LEU A 88 4.13 -29.40 16.69
C LEU A 88 5.48 -29.57 17.34
N LYS A 89 6.39 -30.28 16.66
CA LYS A 89 7.74 -30.53 17.17
C LYS A 89 8.57 -29.25 17.16
N GLN A 90 8.36 -28.39 16.14
CA GLN A 90 9.08 -27.15 15.92
C GLN A 90 8.10 -26.16 15.28
N MET A 91 8.45 -24.86 15.24
CA MET A 91 7.62 -23.88 14.53
C MET A 91 8.12 -23.90 13.09
N TRP A 92 7.63 -24.89 12.31
CA TRP A 92 8.08 -25.10 10.93
C TRP A 92 7.97 -23.83 10.11
N LYS A 93 8.93 -23.61 9.22
CA LYS A 93 8.92 -22.44 8.36
C LYS A 93 7.79 -22.57 7.32
N SER A 94 7.34 -21.43 6.80
CA SER A 94 6.31 -21.40 5.76
C SER A 94 6.71 -22.29 4.57
N PRO A 95 5.84 -23.22 4.12
CA PRO A 95 6.19 -24.04 2.94
C PRO A 95 6.44 -23.16 1.70
N ASN A 96 5.72 -22.01 1.59
CA ASN A 96 5.87 -21.06 0.49
C ASN A 96 7.27 -20.50 0.47
N GLY A 97 7.79 -20.16 1.65
CA GLY A 97 9.16 -19.65 1.83
C GLY A 97 10.18 -20.69 1.40
N THR A 98 10.03 -21.94 1.85
CA THR A 98 10.94 -23.05 1.50
C THR A 98 10.94 -23.29 0.00
N ILE A 99 9.74 -23.36 -0.63
CA ILE A 99 9.63 -23.58 -2.06
C ILE A 99 10.25 -22.42 -2.87
N ARG A 100 9.91 -21.16 -2.51
CA ARG A 100 10.46 -19.99 -3.21
C ARG A 100 11.98 -19.93 -3.13
N ASN A 101 12.56 -20.25 -1.96
CA ASN A 101 14.01 -20.28 -1.75
C ASN A 101 14.72 -21.28 -2.63
N ILE A 102 14.11 -22.48 -2.83
CA ILE A 102 14.65 -23.52 -3.70
C ILE A 102 14.46 -23.16 -5.19
N LEU A 103 13.28 -22.65 -5.57
CA LEU A 103 13.02 -22.38 -6.97
C LEU A 103 13.52 -21.05 -7.49
N GLY A 104 13.42 -20.00 -6.68
CA GLY A 104 13.73 -18.62 -7.07
C GLY A 104 12.63 -18.16 -8.00
N GLY A 105 12.75 -16.97 -8.53
CA GLY A 105 11.78 -16.46 -9.49
C GLY A 105 11.08 -15.20 -9.08
N THR A 106 10.10 -14.78 -9.90
CA THR A 106 9.30 -13.56 -9.71
C THR A 106 7.83 -14.00 -9.48
N VAL A 107 7.15 -13.47 -8.45
CA VAL A 107 5.75 -13.78 -8.13
C VAL A 107 4.86 -12.74 -8.83
N PHE A 108 3.89 -13.19 -9.63
CA PHE A 108 2.92 -12.32 -10.31
C PHE A 108 1.54 -12.59 -9.73
N ARG A 109 0.86 -11.53 -9.28
CA ARG A 109 -0.48 -11.65 -8.67
C ARG A 109 -1.51 -11.01 -9.56
N GLU A 110 -2.65 -11.68 -9.72
CA GLU A 110 -3.71 -11.20 -10.61
C GLU A 110 -5.08 -11.50 -10.03
N ALA A 111 -5.91 -10.45 -9.90
CA ALA A 111 -7.29 -10.58 -9.43
C ALA A 111 -8.15 -10.89 -10.66
N ILE A 112 -8.92 -11.99 -10.59
CA ILE A 112 -9.82 -12.45 -11.64
C ILE A 112 -11.01 -11.49 -11.72
N ILE A 113 -11.30 -10.97 -12.92
CA ILE A 113 -12.39 -10.02 -13.12
C ILE A 113 -13.64 -10.68 -13.66
N CYS A 114 -14.79 -10.36 -13.07
CA CYS A 114 -16.10 -10.79 -13.54
C CYS A 114 -16.84 -9.47 -13.73
N LYS A 115 -17.51 -9.29 -14.86
CA LYS A 115 -18.15 -8.02 -15.27
C LYS A 115 -19.20 -7.49 -14.31
N ASN A 116 -19.81 -8.37 -13.54
CA ASN A 116 -20.86 -8.01 -12.56
C ASN A 116 -20.34 -7.84 -11.14
N ILE A 117 -19.02 -7.96 -10.93
CA ILE A 117 -18.42 -7.81 -9.62
C ILE A 117 -17.71 -6.46 -9.54
N PRO A 118 -18.01 -5.58 -8.55
CA PRO A 118 -17.30 -4.28 -8.49
C PRO A 118 -15.77 -4.38 -8.36
N ARG A 119 -15.01 -3.49 -9.02
CA ARG A 119 -13.54 -3.42 -8.99
C ARG A 119 -13.10 -2.14 -8.28
N LEU A 120 -11.82 -2.07 -7.75
CA LEU A 120 -11.29 -0.86 -7.11
C LEU A 120 -11.52 0.35 -8.04
N VAL A 121 -11.18 0.17 -9.33
CA VAL A 121 -11.41 1.15 -10.42
C VAL A 121 -12.41 0.53 -11.41
N SER A 122 -13.63 1.09 -11.46
CA SER A 122 -14.77 0.67 -12.30
C SER A 122 -14.44 0.52 -13.79
N GLY A 123 -13.54 1.39 -14.28
CA GLY A 123 -13.07 1.39 -15.65
C GLY A 123 -12.28 0.17 -16.06
N TRP A 124 -11.70 -0.57 -15.07
CA TRP A 124 -10.92 -1.78 -15.37
C TRP A 124 -11.77 -2.87 -15.99
N VAL A 125 -11.43 -3.24 -17.24
CA VAL A 125 -12.09 -4.29 -18.01
C VAL A 125 -11.17 -5.53 -18.00
N LYS A 126 -9.84 -5.31 -18.04
CA LYS A 126 -8.89 -6.42 -18.03
C LYS A 126 -8.06 -6.37 -16.74
N PRO A 127 -7.66 -7.52 -16.12
CA PRO A 127 -6.90 -7.44 -14.86
C PRO A 127 -5.56 -6.75 -14.99
N ILE A 128 -4.98 -6.41 -13.86
CA ILE A 128 -3.67 -5.79 -13.76
C ILE A 128 -2.84 -6.88 -13.12
N ILE A 129 -1.67 -7.19 -13.66
CA ILE A 129 -0.84 -8.25 -13.10
C ILE A 129 0.35 -7.59 -12.43
N ILE A 130 0.51 -7.78 -11.13
CA ILE A 130 1.58 -7.12 -10.37
C ILE A 130 2.69 -8.12 -10.06
N GLY A 131 3.91 -7.73 -10.43
CA GLY A 131 5.10 -8.55 -10.21
C GLY A 131 6.07 -7.96 -9.21
N HIS A 132 6.59 -8.83 -8.33
CA HIS A 132 7.62 -8.52 -7.35
C HIS A 132 8.63 -9.67 -7.46
N HIS A 133 9.92 -9.39 -7.39
CA HIS A 133 10.92 -10.45 -7.51
C HIS A 133 11.07 -11.19 -6.16
N ALA A 134 11.19 -12.54 -6.20
CA ALA A 134 11.34 -13.34 -4.97
C ALA A 134 12.83 -13.61 -4.70
N TYR A 135 13.39 -12.81 -3.77
CA TYR A 135 14.78 -12.90 -3.35
C TYR A 135 14.93 -14.04 -2.34
N GLY A 136 16.07 -14.73 -2.38
CA GLY A 136 16.36 -15.84 -1.48
C GLY A 136 16.47 -15.45 -0.03
N ASP A 137 16.51 -16.46 0.88
CA ASP A 137 16.65 -16.28 2.33
C ASP A 137 18.06 -15.76 2.65
N GLN A 138 19.03 -16.05 1.76
CA GLN A 138 20.42 -15.59 1.86
C GLN A 138 20.51 -14.08 1.56
N TYR A 139 19.44 -13.50 0.94
CA TYR A 139 19.37 -12.08 0.59
C TYR A 139 18.82 -11.30 1.78
N ARG A 140 19.64 -10.38 2.30
CA ARG A 140 19.24 -9.56 3.44
C ARG A 140 20.00 -8.25 3.48
N ALA A 141 19.45 -7.29 4.20
CA ALA A 141 20.11 -6.03 4.48
C ALA A 141 20.97 -6.35 5.71
N THR A 142 22.07 -5.64 5.90
CA THR A 142 22.93 -5.80 7.06
C THR A 142 22.67 -4.62 7.96
N ASP A 143 21.80 -4.82 8.97
CA ASP A 143 21.43 -3.76 9.91
C ASP A 143 22.05 -3.96 11.27
N PHE A 144 22.25 -2.86 11.99
CA PHE A 144 22.90 -2.88 13.30
C PHE A 144 22.55 -1.66 14.11
N VAL A 145 22.73 -1.78 15.42
CA VAL A 145 22.51 -0.70 16.36
C VAL A 145 23.77 0.17 16.40
N VAL A 146 23.57 1.49 16.44
CA VAL A 146 24.65 2.46 16.60
C VAL A 146 24.49 2.90 18.07
N PRO A 147 25.36 2.40 18.99
CA PRO A 147 25.12 2.65 20.43
C PRO A 147 25.41 4.05 20.91
N GLY A 148 26.17 4.78 20.14
CA GLY A 148 26.53 6.14 20.52
C GLY A 148 27.16 6.89 19.36
N PRO A 149 27.62 8.13 19.65
CA PRO A 149 28.22 8.95 18.60
C PRO A 149 29.36 8.25 17.87
N GLY A 150 29.49 8.58 16.59
CA GLY A 150 30.54 8.03 15.75
C GLY A 150 30.19 8.05 14.30
N LYS A 151 31.11 7.60 13.46
CA LYS A 151 30.98 7.65 12.02
C LYS A 151 30.57 6.32 11.43
N VAL A 152 29.57 6.34 10.54
CA VAL A 152 29.13 5.15 9.79
C VAL A 152 29.54 5.42 8.33
N GLU A 153 30.34 4.53 7.76
CA GLU A 153 30.79 4.65 6.36
C GLU A 153 30.49 3.37 5.63
N ILE A 154 30.34 3.45 4.31
CA ILE A 154 30.10 2.27 3.49
C ILE A 154 31.18 2.27 2.43
N THR A 155 31.88 1.13 2.26
CA THR A 155 33.01 1.06 1.34
C THR A 155 32.87 -0.02 0.31
N TYR A 156 33.38 0.26 -0.90
CA TYR A 156 33.42 -0.71 -1.99
C TYR A 156 34.90 -0.93 -2.35
N THR A 157 35.36 -2.18 -2.21
CA THR A 157 36.74 -2.54 -2.53
C THR A 157 36.67 -3.54 -3.69
N PRO A 158 36.98 -3.08 -4.91
CA PRO A 158 37.00 -3.99 -6.08
C PRO A 158 37.93 -5.19 -5.85
N SER A 159 37.62 -6.35 -6.42
CA SER A 159 38.44 -7.57 -6.22
C SER A 159 39.96 -7.42 -6.30
N ASP A 160 40.48 -6.65 -7.25
CA ASP A 160 41.95 -6.46 -7.36
C ASP A 160 42.60 -5.53 -6.27
N GLY A 161 41.77 -4.92 -5.42
CA GLY A 161 42.22 -4.01 -4.38
C GLY A 161 42.41 -2.57 -4.79
N THR A 162 42.28 -2.26 -6.11
CA THR A 162 42.44 -0.88 -6.63
C THR A 162 41.10 -0.17 -6.74
N GLN A 163 41.11 1.17 -6.83
CA GLN A 163 39.88 1.95 -7.01
C GLN A 163 38.79 1.74 -5.92
N LYS A 164 39.25 1.62 -4.68
CA LYS A 164 38.36 1.53 -3.52
C LYS A 164 37.63 2.87 -3.39
N VAL A 165 36.37 2.86 -2.95
CA VAL A 165 35.62 4.10 -2.72
C VAL A 165 35.02 3.96 -1.30
N THR A 166 35.09 5.04 -0.50
CA THR A 166 34.51 5.09 0.85
C THR A 166 33.51 6.25 0.87
N TYR A 167 32.27 5.96 1.26
CA TYR A 167 31.20 6.94 1.30
C TYR A 167 30.77 7.15 2.74
N LEU A 168 30.73 8.40 3.19
CA LEU A 168 30.20 8.68 4.53
C LEU A 168 28.67 8.48 4.50
N VAL A 169 28.14 7.67 5.45
CA VAL A 169 26.70 7.45 5.53
C VAL A 169 26.14 8.53 6.46
N HIS A 170 26.73 8.62 7.67
CA HIS A 170 26.30 9.60 8.66
C HIS A 170 27.31 9.72 9.77
N ASN A 171 27.48 10.93 10.27
CA ASN A 171 28.27 11.19 11.43
C ASN A 171 27.28 11.41 12.57
N PHE A 172 27.14 10.41 13.47
CA PHE A 172 26.27 10.49 14.64
C PHE A 172 26.97 11.40 15.65
N GLU A 173 26.52 12.64 15.77
CA GLU A 173 27.18 13.63 16.64
C GLU A 173 26.58 13.69 18.04
N GLU A 174 25.26 13.42 18.19
CA GLU A 174 24.55 13.56 19.49
C GLU A 174 23.60 12.41 19.91
N GLY A 175 24.14 11.22 20.12
CA GLY A 175 23.38 10.02 20.47
C GLY A 175 23.65 8.89 19.49
N GLY A 176 22.87 7.83 19.60
CA GLY A 176 23.01 6.69 18.71
C GLY A 176 21.82 6.56 17.79
N GLY A 177 21.59 5.35 17.35
CA GLY A 177 20.47 5.03 16.48
C GLY A 177 20.65 3.70 15.84
N VAL A 178 20.40 3.65 14.54
CA VAL A 178 20.53 2.44 13.73
C VAL A 178 21.09 2.80 12.38
N ALA A 179 21.70 1.80 11.72
CA ALA A 179 22.23 1.95 10.37
C ALA A 179 22.16 0.63 9.66
N MET A 180 22.21 0.67 8.33
CA MET A 180 22.17 -0.56 7.56
C MET A 180 22.75 -0.41 6.20
N GLY A 181 23.23 -1.53 5.68
CA GLY A 181 23.76 -1.63 4.34
C GLY A 181 22.88 -2.57 3.57
N MET A 182 22.50 -2.18 2.37
CA MET A 182 21.72 -3.09 1.52
C MET A 182 22.32 -3.15 0.13
N TYR A 183 21.98 -4.19 -0.63
CA TYR A 183 22.58 -4.37 -1.94
C TYR A 183 21.64 -5.13 -2.84
N ASN A 184 21.96 -5.14 -4.14
CA ASN A 184 21.26 -5.93 -5.12
C ASN A 184 22.24 -6.34 -6.19
N GLN A 185 22.18 -7.61 -6.62
CA GLN A 185 23.07 -8.10 -7.67
C GLN A 185 22.43 -7.89 -9.02
N ASP A 186 23.24 -7.57 -10.03
CA ASP A 186 22.77 -7.37 -11.39
C ASP A 186 21.96 -8.57 -11.89
N LYS A 187 22.42 -9.81 -11.61
CA LYS A 187 21.75 -11.05 -12.02
C LYS A 187 20.29 -11.09 -11.50
N SER A 188 20.02 -10.65 -10.25
CA SER A 188 18.67 -10.60 -9.69
C SER A 188 17.79 -9.63 -10.46
N ILE A 189 18.32 -8.44 -10.78
CA ILE A 189 17.57 -7.44 -11.55
C ILE A 189 17.28 -7.95 -12.97
N GLU A 190 18.29 -8.57 -13.62
CA GLU A 190 18.16 -9.16 -14.97
C GLU A 190 17.09 -10.25 -15.02
N ASP A 191 17.10 -11.16 -14.03
CA ASP A 191 16.10 -12.23 -13.89
C ASP A 191 14.68 -11.64 -13.74
N PHE A 192 14.53 -10.60 -12.90
CA PHE A 192 13.23 -9.92 -12.71
C PHE A 192 12.78 -9.32 -14.03
N ALA A 193 13.70 -8.64 -14.77
CA ALA A 193 13.39 -8.01 -16.05
C ALA A 193 12.93 -9.06 -17.07
N HIS A 194 13.68 -10.16 -17.25
CA HIS A 194 13.34 -11.22 -18.21
C HIS A 194 11.95 -11.83 -17.97
N SER A 195 11.63 -12.19 -16.71
CA SER A 195 10.31 -12.74 -16.37
C SER A 195 9.20 -11.75 -16.61
N SER A 196 9.45 -10.45 -16.34
CA SER A 196 8.46 -9.42 -16.55
C SER A 196 8.18 -9.18 -18.05
N PHE A 197 9.25 -8.98 -18.90
CA PHE A 197 9.11 -8.76 -20.36
C PHE A 197 8.39 -9.92 -21.02
N GLN A 198 8.72 -11.14 -20.61
CA GLN A 198 8.13 -12.37 -21.09
C GLN A 198 6.64 -12.47 -20.72
N MET A 199 6.28 -12.15 -19.46
CA MET A 199 4.90 -12.16 -18.97
C MET A 199 4.06 -11.19 -19.80
N ALA A 200 4.61 -9.99 -20.09
CA ALA A 200 3.98 -8.95 -20.91
C ALA A 200 3.71 -9.46 -22.32
N LEU A 201 4.67 -10.20 -22.92
CA LEU A 201 4.53 -10.79 -24.25
C LEU A 201 3.56 -11.96 -24.27
N SER A 202 3.70 -12.90 -23.30
CA SER A 202 2.86 -14.09 -23.16
C SER A 202 1.36 -13.71 -23.03
N LYS A 203 1.08 -12.60 -22.36
CA LYS A 203 -0.27 -12.08 -22.16
C LYS A 203 -0.69 -11.10 -23.25
N GLY A 204 0.29 -10.61 -24.03
CA GLY A 204 0.08 -9.60 -25.07
C GLY A 204 -0.34 -8.27 -24.49
N TRP A 205 0.22 -7.93 -23.30
CA TRP A 205 -0.11 -6.72 -22.55
C TRP A 205 1.12 -5.82 -22.36
N PRO A 206 0.96 -4.47 -22.27
CA PRO A 206 2.13 -3.61 -22.03
C PRO A 206 2.73 -3.82 -20.63
N LEU A 207 4.01 -3.44 -20.46
CA LEU A 207 4.72 -3.58 -19.18
C LEU A 207 5.18 -2.23 -18.66
N TYR A 208 4.94 -2.01 -17.39
CA TYR A 208 5.33 -0.82 -16.68
C TYR A 208 6.20 -1.21 -15.50
N LEU A 209 7.26 -0.40 -15.25
CA LEU A 209 8.17 -0.57 -14.12
C LEU A 209 8.15 0.69 -13.32
N SER A 210 8.02 0.58 -12.01
CA SER A 210 8.07 1.74 -11.14
C SER A 210 9.25 1.67 -10.15
N THR A 211 10.03 2.76 -10.08
CA THR A 211 11.17 2.89 -9.18
C THR A 211 11.09 4.29 -8.58
N LYS A 212 11.98 4.59 -7.63
CA LYS A 212 12.10 5.92 -7.03
C LYS A 212 13.47 6.49 -7.46
N ASN A 213 13.76 6.40 -8.77
CA ASN A 213 15.03 6.84 -9.36
C ASN A 213 15.33 8.35 -9.25
N THR A 214 14.34 9.16 -8.83
CA THR A 214 14.51 10.60 -8.61
C THR A 214 15.14 10.80 -7.22
N ILE A 215 14.97 9.81 -6.31
CA ILE A 215 15.51 9.83 -4.95
C ILE A 215 16.77 8.97 -4.85
N LEU A 216 16.66 7.68 -5.20
CA LEU A 216 17.79 6.75 -5.23
C LEU A 216 18.27 6.71 -6.67
N LYS A 217 18.97 7.77 -7.07
CA LYS A 217 19.48 7.97 -8.42
C LYS A 217 20.41 6.88 -8.93
N LYS A 218 21.20 6.27 -8.03
CA LYS A 218 22.11 5.21 -8.43
C LYS A 218 21.47 3.82 -8.28
N TYR A 219 20.89 3.54 -7.10
CA TYR A 219 20.29 2.25 -6.76
C TYR A 219 19.11 1.92 -7.69
N ASP A 220 18.12 2.83 -7.77
CA ASP A 220 16.95 2.64 -8.63
C ASP A 220 17.25 2.91 -10.10
N GLY A 221 18.21 3.79 -10.37
CA GLY A 221 18.67 4.06 -11.74
C GLY A 221 19.18 2.81 -12.41
N ARG A 222 19.86 1.92 -11.64
CA ARG A 222 20.36 0.64 -12.14
C ARG A 222 19.23 -0.27 -12.61
N PHE A 223 18.10 -0.32 -11.85
CA PHE A 223 16.96 -1.15 -12.25
C PHE A 223 16.40 -0.61 -13.53
N LYS A 224 16.18 0.71 -13.58
CA LYS A 224 15.63 1.40 -14.75
C LYS A 224 16.50 1.12 -15.98
N ASP A 225 17.84 1.29 -15.86
CA ASP A 225 18.79 1.04 -16.95
C ASP A 225 18.86 -0.40 -17.38
N ILE A 226 18.90 -1.37 -16.43
CA ILE A 226 18.93 -2.81 -16.80
C ILE A 226 17.63 -3.21 -17.54
N PHE A 227 16.47 -2.73 -17.03
CA PHE A 227 15.17 -3.03 -17.66
C PHE A 227 15.19 -2.42 -19.08
N GLN A 228 15.53 -1.11 -19.19
CA GLN A 228 15.62 -0.37 -20.46
C GLN A 228 16.58 -0.98 -21.47
N GLU A 229 17.74 -1.50 -21.01
CA GLU A 229 18.76 -2.14 -21.84
C GLU A 229 18.24 -3.43 -22.43
N ILE A 230 17.73 -4.34 -21.57
CA ILE A 230 17.16 -5.64 -21.96
C ILE A 230 15.95 -5.43 -22.92
N TYR A 231 15.13 -4.36 -22.71
CA TYR A 231 13.98 -4.03 -23.57
C TYR A 231 14.49 -3.61 -24.96
N ASP A 232 15.32 -2.53 -25.02
CA ASP A 232 15.92 -2.01 -26.26
C ASP A 232 16.61 -3.09 -27.06
N LYS A 233 17.38 -3.95 -26.39
CA LYS A 233 18.14 -5.01 -27.03
C LYS A 233 17.36 -6.27 -27.38
N GLN A 234 16.65 -6.88 -26.40
CA GLN A 234 16.01 -8.19 -26.59
C GLN A 234 14.48 -8.26 -26.75
N TYR A 235 13.74 -7.16 -26.51
CA TYR A 235 12.27 -7.28 -26.56
C TYR A 235 11.50 -6.16 -27.30
N LYS A 236 12.17 -5.03 -27.65
CA LYS A 236 11.58 -3.86 -28.30
C LYS A 236 10.75 -4.14 -29.54
N SER A 237 11.28 -4.98 -30.46
CA SER A 237 10.61 -5.34 -31.72
C SER A 237 9.37 -6.18 -31.49
N GLN A 238 9.46 -7.20 -30.59
CA GLN A 238 8.34 -8.10 -30.24
C GLN A 238 7.17 -7.33 -29.61
N PHE A 239 7.47 -6.32 -28.78
CA PHE A 239 6.47 -5.46 -28.15
C PHE A 239 5.71 -4.65 -29.20
N GLU A 240 6.46 -3.92 -30.08
CA GLU A 240 5.90 -3.11 -31.17
C GLU A 240 5.01 -3.94 -32.11
N ALA A 241 5.44 -5.20 -32.41
CA ALA A 241 4.75 -6.18 -33.24
C ALA A 241 3.36 -6.54 -32.69
N GLN A 242 3.21 -6.50 -31.34
CA GLN A 242 1.97 -6.80 -30.64
C GLN A 242 1.29 -5.54 -30.12
N LYS A 243 1.70 -4.36 -30.63
CA LYS A 243 1.15 -3.05 -30.29
C LYS A 243 1.25 -2.76 -28.77
N ILE A 244 2.21 -3.43 -28.12
CA ILE A 244 2.47 -3.28 -26.69
C ILE A 244 3.77 -2.50 -26.48
N TRP A 245 3.94 -1.94 -25.28
CA TRP A 245 5.10 -1.11 -25.00
C TRP A 245 5.62 -1.33 -23.59
N TYR A 246 6.89 -0.94 -23.37
CA TYR A 246 7.48 -0.95 -22.05
C TYR A 246 7.77 0.50 -21.66
N GLU A 247 7.37 0.90 -20.45
CA GLU A 247 7.59 2.25 -19.96
C GLU A 247 7.90 2.27 -18.47
N HIS A 248 8.98 2.96 -18.11
CA HIS A 248 9.32 3.16 -16.70
C HIS A 248 8.46 4.33 -16.24
N ARG A 249 7.91 4.28 -15.02
CA ARG A 249 7.09 5.37 -14.48
C ARG A 249 7.24 5.50 -12.98
N LEU A 250 7.26 6.73 -12.45
CA LEU A 250 7.33 6.97 -11.02
C LEU A 250 6.00 6.54 -10.40
N ILE A 251 6.01 6.02 -9.14
CA ILE A 251 4.81 5.56 -8.44
C ILE A 251 3.62 6.48 -8.54
N ASP A 252 3.83 7.79 -8.26
CA ASP A 252 2.81 8.85 -8.31
C ASP A 252 2.13 8.86 -9.68
N ASP A 253 2.94 8.86 -10.76
CA ASP A 253 2.51 8.85 -12.15
C ASP A 253 1.81 7.53 -12.46
N MET A 254 2.40 6.40 -12.00
CA MET A 254 1.84 5.06 -12.19
C MET A 254 0.43 4.92 -11.63
N VAL A 255 0.24 5.32 -10.35
CA VAL A 255 -1.04 5.29 -9.65
C VAL A 255 -2.11 6.08 -10.43
N ALA A 256 -1.82 7.35 -10.77
CA ALA A 256 -2.74 8.22 -11.53
C ALA A 256 -3.17 7.63 -12.87
N GLN A 257 -2.20 7.10 -13.65
CA GLN A 257 -2.44 6.47 -14.96
C GLN A 257 -3.38 5.25 -14.80
N ALA A 258 -3.12 4.40 -13.79
CA ALA A 258 -3.90 3.19 -13.48
C ALA A 258 -5.38 3.47 -13.15
N MET A 259 -5.67 4.62 -12.50
CA MET A 259 -7.02 5.07 -12.14
C MET A 259 -7.83 5.46 -13.39
N LYS A 260 -7.16 5.91 -14.46
CA LYS A 260 -7.74 6.34 -15.73
C LYS A 260 -7.61 5.21 -16.77
N SER A 261 -6.96 4.11 -16.40
CA SER A 261 -6.72 2.96 -17.26
C SER A 261 -7.91 2.01 -17.31
N GLU A 262 -7.96 1.15 -18.33
CA GLU A 262 -8.94 0.07 -18.47
C GLU A 262 -8.28 -1.26 -18.03
N GLY A 263 -7.11 -1.18 -17.38
CA GLY A 263 -6.38 -2.37 -16.94
C GLY A 263 -5.71 -3.04 -18.13
N GLY A 264 -5.39 -4.32 -17.99
CA GLY A 264 -4.71 -5.04 -19.05
C GLY A 264 -3.26 -4.63 -19.22
N PHE A 265 -2.49 -4.66 -18.13
CA PHE A 265 -1.06 -4.35 -18.18
C PHE A 265 -0.37 -5.09 -17.05
N ILE A 266 0.94 -5.26 -17.19
CA ILE A 266 1.80 -5.89 -16.17
C ILE A 266 2.51 -4.71 -15.46
N TRP A 267 2.52 -4.70 -14.12
CA TRP A 267 3.22 -3.69 -13.33
C TRP A 267 4.32 -4.42 -12.53
N ALA A 268 5.60 -4.16 -12.85
CA ALA A 268 6.76 -4.70 -12.14
C ALA A 268 7.14 -3.63 -11.10
N CYS A 269 7.07 -4.01 -9.82
CA CYS A 269 7.36 -3.15 -8.69
C CYS A 269 8.70 -3.56 -8.08
N LYS A 270 9.65 -2.61 -7.97
CA LYS A 270 11.02 -2.85 -7.47
C LYS A 270 11.17 -3.29 -5.97
N ASN A 271 10.09 -3.20 -5.18
CA ASN A 271 10.03 -3.50 -3.74
C ASN A 271 10.49 -4.86 -3.25
N TYR A 272 11.16 -4.87 -2.07
CA TYR A 272 11.58 -6.07 -1.36
C TYR A 272 10.33 -6.65 -0.67
N ASP A 273 9.60 -5.79 0.09
CA ASP A 273 8.37 -6.16 0.79
C ASP A 273 7.22 -6.10 -0.22
N GLY A 274 7.04 -7.20 -0.96
CA GLY A 274 6.02 -7.29 -2.00
C GLY A 274 4.95 -8.34 -1.88
N ASP A 275 4.90 -9.08 -0.74
CA ASP A 275 3.89 -10.12 -0.52
C ASP A 275 2.48 -9.56 -0.35
N VAL A 276 1.46 -10.30 -0.88
CA VAL A 276 0.03 -9.95 -0.84
C VAL A 276 -0.48 -9.64 0.58
N GLN A 277 0.15 -10.28 1.60
CA GLN A 277 -0.17 -10.16 3.02
C GLN A 277 0.04 -8.73 3.55
N SER A 278 1.05 -8.00 3.04
CA SER A 278 1.33 -6.61 3.42
C SER A 278 0.68 -5.60 2.45
N ASP A 279 0.00 -6.11 1.41
CA ASP A 279 -0.67 -5.30 0.39
C ASP A 279 -2.07 -4.85 0.90
N SER A 280 -2.18 -3.58 1.35
CA SER A 280 -3.43 -3.00 1.88
C SER A 280 -4.60 -2.98 0.89
N VAL A 281 -4.28 -2.77 -0.41
CA VAL A 281 -5.28 -2.73 -1.48
C VAL A 281 -5.88 -4.12 -1.70
N ALA A 282 -5.01 -5.15 -1.88
CA ALA A 282 -5.42 -6.53 -2.11
C ALA A 282 -6.14 -7.11 -0.88
N GLN A 283 -5.64 -6.82 0.33
CA GLN A 283 -6.23 -7.31 1.57
C GLN A 283 -7.58 -6.67 1.92
N GLY A 284 -7.83 -5.46 1.42
CA GLY A 284 -9.05 -4.71 1.73
C GLY A 284 -10.13 -4.50 0.70
N TYR A 285 -9.86 -4.70 -0.62
CA TYR A 285 -10.92 -4.43 -1.59
C TYR A 285 -12.09 -5.45 -1.64
N GLY A 286 -12.17 -6.20 -2.73
CA GLY A 286 -13.25 -7.15 -2.94
C GLY A 286 -13.00 -8.44 -2.19
N SER A 287 -12.68 -9.49 -2.94
CA SER A 287 -12.45 -10.76 -2.31
C SER A 287 -11.12 -11.39 -2.66
N LEU A 288 -10.44 -11.89 -1.63
CA LEU A 288 -9.19 -12.64 -1.74
C LEU A 288 -9.43 -13.94 -2.50
N GLY A 289 -10.69 -14.41 -2.52
CA GLY A 289 -11.07 -15.62 -3.24
C GLY A 289 -10.90 -15.51 -4.73
N MET A 290 -10.60 -14.28 -5.23
CA MET A 290 -10.46 -14.02 -6.67
C MET A 290 -9.01 -13.70 -7.06
N MET A 291 -8.08 -13.79 -6.10
CA MET A 291 -6.68 -13.41 -6.32
C MET A 291 -5.83 -14.62 -6.52
N THR A 292 -5.13 -14.63 -7.65
CA THR A 292 -4.27 -15.71 -8.08
C THR A 292 -2.83 -15.33 -7.94
N SER A 293 -1.96 -16.33 -7.85
CA SER A 293 -0.53 -16.08 -7.76
C SER A 293 0.23 -17.10 -8.60
N VAL A 294 1.33 -16.68 -9.25
CA VAL A 294 2.19 -17.56 -10.02
C VAL A 294 3.65 -17.18 -9.76
N LEU A 295 4.48 -18.17 -9.38
CA LEU A 295 5.92 -17.98 -9.23
C LEU A 295 6.49 -18.37 -10.59
N VAL A 296 7.14 -17.42 -11.26
CA VAL A 296 7.70 -17.61 -12.60
C VAL A 296 9.22 -17.65 -12.47
N CYS A 297 9.81 -18.81 -12.70
CA CYS A 297 11.25 -18.98 -12.57
C CYS A 297 12.02 -18.31 -13.69
N PRO A 298 13.30 -17.87 -13.43
CA PRO A 298 14.09 -17.17 -14.47
C PRO A 298 14.19 -17.93 -15.80
N ASP A 299 14.36 -19.27 -15.72
CA ASP A 299 14.50 -20.18 -16.86
C ASP A 299 13.37 -20.10 -17.91
N GLY A 300 12.22 -19.56 -17.53
CA GLY A 300 11.03 -19.51 -18.38
C GLY A 300 10.34 -20.86 -18.51
N LYS A 301 10.89 -21.88 -17.83
CA LYS A 301 10.38 -23.24 -17.92
C LYS A 301 9.55 -23.65 -16.72
N THR A 302 9.92 -23.19 -15.52
CA THR A 302 9.26 -23.63 -14.27
C THR A 302 8.28 -22.62 -13.73
N VAL A 303 7.05 -23.09 -13.41
CA VAL A 303 6.00 -22.23 -12.85
C VAL A 303 5.37 -22.96 -11.65
N GLU A 304 5.07 -22.21 -10.56
CA GLU A 304 4.34 -22.76 -9.41
C GLU A 304 3.15 -21.85 -9.20
N ALA A 305 1.93 -22.41 -9.30
CA ALA A 305 0.70 -21.61 -9.18
C ALA A 305 -0.03 -21.93 -7.89
N GLU A 306 -0.67 -20.90 -7.31
CA GLU A 306 -1.40 -21.04 -6.04
C GLU A 306 -2.40 -19.91 -5.91
N ALA A 307 -3.34 -20.05 -4.96
CA ALA A 307 -4.29 -18.98 -4.64
C ALA A 307 -3.48 -17.98 -3.84
N ALA A 308 -3.82 -16.70 -3.89
CA ALA A 308 -3.11 -15.71 -3.07
C ALA A 308 -3.89 -15.40 -1.79
N HIS A 309 -4.50 -16.40 -1.18
CA HIS A 309 -5.20 -16.30 0.10
C HIS A 309 -4.74 -17.50 0.95
N GLY A 310 -5.18 -17.54 2.21
CA GLY A 310 -4.81 -18.63 3.10
C GLY A 310 -5.79 -19.80 3.10
N THR A 311 -5.75 -20.57 4.19
CA THR A 311 -6.56 -21.79 4.37
C THR A 311 -8.00 -21.53 4.78
N VAL A 312 -8.37 -20.25 4.99
CA VAL A 312 -9.76 -19.84 5.33
C VAL A 312 -10.21 -20.52 6.63
N THR A 313 -9.35 -20.42 7.65
CA THR A 313 -9.59 -21.05 8.96
C THR A 313 -11.00 -20.77 9.50
N ARG A 314 -11.47 -19.48 9.41
CA ARG A 314 -12.79 -19.14 9.92
C ARG A 314 -13.89 -19.98 9.31
N HIS A 315 -13.81 -20.25 7.99
CA HIS A 315 -14.82 -21.10 7.35
C HIS A 315 -14.65 -22.56 7.74
N TYR A 316 -13.39 -23.02 7.86
CA TYR A 316 -13.12 -24.39 8.26
C TYR A 316 -13.73 -24.67 9.65
N ARG A 317 -13.65 -23.70 10.60
CA ARG A 317 -14.25 -23.86 11.94
C ARG A 317 -15.75 -24.08 11.87
N MET A 318 -16.44 -23.38 10.95
CA MET A 318 -17.89 -23.54 10.76
C MET A 318 -18.14 -24.92 10.17
N TYR A 319 -17.36 -25.32 9.16
CA TYR A 319 -17.49 -26.64 8.53
C TYR A 319 -17.32 -27.76 9.60
N GLN A 320 -16.37 -27.59 10.54
CA GLN A 320 -16.12 -28.58 11.63
C GLN A 320 -17.32 -28.73 12.56
N LYS A 321 -18.14 -27.68 12.70
CA LYS A 321 -19.36 -27.66 13.53
C LYS A 321 -20.60 -28.07 12.75
N GLY A 322 -20.42 -28.48 11.49
CA GLY A 322 -21.50 -28.90 10.61
C GLY A 322 -22.32 -27.74 10.07
N GLN A 323 -21.77 -26.52 10.14
CA GLN A 323 -22.47 -25.34 9.66
C GLN A 323 -22.18 -25.11 8.17
N GLU A 324 -23.15 -24.55 7.47
CA GLU A 324 -23.02 -24.25 6.04
C GLU A 324 -21.90 -23.23 5.82
N THR A 325 -21.08 -23.43 4.78
CA THR A 325 -20.01 -22.50 4.45
C THR A 325 -20.22 -22.02 3.01
N SER A 326 -19.57 -20.92 2.62
CA SER A 326 -19.63 -20.46 1.23
C SER A 326 -18.23 -19.94 0.92
N THR A 327 -17.32 -20.85 0.57
CA THR A 327 -15.92 -20.53 0.34
C THR A 327 -15.70 -20.48 -1.16
N ASN A 328 -15.08 -19.38 -1.61
CA ASN A 328 -14.83 -19.12 -3.02
C ASN A 328 -13.68 -20.00 -3.54
N PRO A 329 -13.93 -20.88 -4.53
CA PRO A 329 -12.86 -21.75 -5.04
C PRO A 329 -12.11 -21.17 -6.24
N ILE A 330 -12.49 -19.97 -6.72
CA ILE A 330 -11.91 -19.40 -7.95
C ILE A 330 -10.39 -19.34 -7.96
N ALA A 331 -9.80 -18.73 -6.92
CA ALA A 331 -8.34 -18.60 -6.86
C ALA A 331 -7.65 -19.99 -6.92
N SER A 332 -8.24 -21.00 -6.24
CA SER A 332 -7.73 -22.38 -6.22
C SER A 332 -7.87 -23.04 -7.60
N ILE A 333 -9.02 -22.82 -8.27
CA ILE A 333 -9.26 -23.36 -9.61
C ILE A 333 -8.23 -22.75 -10.58
N PHE A 334 -7.99 -21.43 -10.49
CA PHE A 334 -7.02 -20.77 -11.38
C PHE A 334 -5.59 -21.20 -11.13
N ALA A 335 -5.30 -21.72 -9.93
CA ALA A 335 -3.97 -22.29 -9.67
C ALA A 335 -3.86 -23.54 -10.58
N TRP A 336 -4.93 -24.36 -10.62
CA TRP A 336 -4.97 -25.54 -11.49
C TRP A 336 -4.91 -25.16 -12.97
N THR A 337 -5.71 -24.18 -13.39
CA THR A 337 -5.76 -23.81 -14.82
C THR A 337 -4.47 -23.17 -15.29
N ARG A 338 -3.81 -22.39 -14.45
CA ARG A 338 -2.52 -21.78 -14.82
C ARG A 338 -1.43 -22.84 -14.92
N GLY A 339 -1.40 -23.77 -13.98
CA GLY A 339 -0.47 -24.89 -14.00
C GLY A 339 -0.67 -25.79 -15.21
N LEU A 340 -1.94 -26.17 -15.48
CA LEU A 340 -2.25 -27.02 -16.63
C LEU A 340 -1.97 -26.29 -17.97
N ALA A 341 -2.22 -24.96 -18.02
CA ALA A 341 -1.94 -24.21 -19.27
C ALA A 341 -0.43 -24.20 -19.53
N HIS A 342 0.40 -24.05 -18.45
CA HIS A 342 1.86 -24.06 -18.58
C HIS A 342 2.36 -25.43 -19.03
N ARG A 343 1.85 -26.51 -18.41
CA ARG A 343 2.16 -27.88 -18.79
C ARG A 343 1.86 -28.08 -20.29
N ALA A 344 0.68 -27.59 -20.74
CA ALA A 344 0.24 -27.72 -22.14
C ALA A 344 1.19 -27.00 -23.10
N LYS A 345 1.67 -25.81 -22.70
CA LYS A 345 2.61 -24.98 -23.45
C LYS A 345 3.95 -25.71 -23.59
N LEU A 346 4.47 -26.26 -22.47
CA LEU A 346 5.74 -27.01 -22.51
C LEU A 346 5.66 -28.26 -23.39
N ASP A 347 4.51 -28.93 -23.41
CA ASP A 347 4.31 -30.21 -24.09
C ASP A 347 3.68 -30.10 -25.47
N ASN A 348 3.30 -28.88 -25.89
CA ASN A 348 2.55 -28.61 -27.13
C ASN A 348 1.27 -29.47 -27.13
N ASN A 349 0.55 -29.45 -26.00
CA ASN A 349 -0.64 -30.24 -25.82
C ASN A 349 -1.88 -29.37 -26.07
N LYS A 350 -2.41 -29.41 -27.32
CA LYS A 350 -3.55 -28.57 -27.68
C LYS A 350 -4.82 -28.87 -26.90
N GLU A 351 -5.09 -30.15 -26.61
CA GLU A 351 -6.30 -30.57 -25.90
C GLU A 351 -6.24 -30.08 -24.45
N LEU A 352 -5.06 -30.17 -23.83
CA LEU A 352 -4.91 -29.69 -22.44
C LEU A 352 -5.00 -28.17 -22.38
N ALA A 353 -4.41 -27.47 -23.38
CA ALA A 353 -4.48 -26.01 -23.44
C ALA A 353 -5.94 -25.55 -23.56
N PHE A 354 -6.73 -26.23 -24.39
CA PHE A 354 -8.15 -25.90 -24.57
C PHE A 354 -8.90 -26.11 -23.26
N PHE A 355 -8.66 -27.26 -22.61
CA PHE A 355 -9.34 -27.56 -21.34
C PHE A 355 -9.08 -26.47 -20.28
N ALA A 356 -7.81 -26.07 -20.08
CA ALA A 356 -7.42 -25.08 -19.09
C ALA A 356 -8.12 -23.75 -19.34
N ASN A 357 -8.17 -23.33 -20.62
CA ASN A 357 -8.88 -22.11 -20.95
C ASN A 357 -10.38 -22.26 -20.75
N ALA A 358 -10.97 -23.40 -21.18
CA ALA A 358 -12.41 -23.62 -21.03
C ALA A 358 -12.83 -23.56 -19.55
N LEU A 359 -12.01 -24.11 -18.64
CA LEU A 359 -12.34 -24.09 -17.21
C LEU A 359 -12.31 -22.66 -16.66
N GLU A 360 -11.38 -21.83 -17.12
CA GLU A 360 -11.32 -20.44 -16.68
C GLU A 360 -12.58 -19.71 -17.18
N GLU A 361 -12.95 -19.96 -18.44
CA GLU A 361 -14.15 -19.33 -19.02
C GLU A 361 -15.40 -19.75 -18.28
N VAL A 362 -15.53 -21.04 -17.95
CA VAL A 362 -16.70 -21.55 -17.21
C VAL A 362 -16.82 -20.85 -15.84
N SER A 363 -15.70 -20.70 -15.15
CA SER A 363 -15.65 -20.11 -13.82
C SER A 363 -16.18 -18.68 -13.86
N ILE A 364 -15.68 -17.90 -14.82
CA ILE A 364 -16.09 -16.49 -14.97
C ILE A 364 -17.55 -16.41 -15.42
N GLU A 365 -17.94 -17.22 -16.41
CA GLU A 365 -19.31 -17.23 -16.95
C GLU A 365 -20.33 -17.56 -15.89
N THR A 366 -20.01 -18.55 -15.00
CA THR A 366 -20.94 -18.96 -13.93
C THR A 366 -21.25 -17.76 -13.01
N ILE A 367 -20.20 -17.04 -12.58
CA ILE A 367 -20.35 -15.87 -11.72
C ILE A 367 -21.12 -14.77 -12.48
N GLU A 368 -20.74 -14.55 -13.75
CA GLU A 368 -21.38 -13.53 -14.60
C GLU A 368 -22.86 -13.82 -14.88
N ALA A 369 -23.26 -15.10 -14.79
CA ALA A 369 -24.65 -15.55 -14.91
C ALA A 369 -25.41 -15.41 -13.58
N GLY A 370 -24.73 -14.95 -12.52
CA GLY A 370 -25.34 -14.66 -11.22
C GLY A 370 -25.26 -15.76 -10.18
N PHE A 371 -24.42 -16.79 -10.42
CA PHE A 371 -24.23 -17.90 -9.48
C PHE A 371 -22.86 -17.69 -8.83
N MET A 372 -22.84 -17.42 -7.52
CA MET A 372 -21.60 -17.08 -6.84
C MET A 372 -21.66 -17.41 -5.38
N THR A 373 -20.49 -17.39 -4.72
CA THR A 373 -20.37 -17.61 -3.28
C THR A 373 -20.68 -16.31 -2.56
N LYS A 374 -20.92 -16.41 -1.25
CA LYS A 374 -21.30 -15.30 -0.39
C LYS A 374 -20.39 -14.09 -0.43
N ASP A 375 -19.07 -14.29 -0.50
CA ASP A 375 -18.09 -13.19 -0.57
C ASP A 375 -18.38 -12.29 -1.75
N LEU A 376 -18.69 -12.86 -2.93
CA LEU A 376 -19.02 -12.09 -4.13
C LEU A 376 -20.42 -11.47 -4.04
N ALA A 377 -21.41 -12.21 -3.47
CA ALA A 377 -22.75 -11.64 -3.29
C ALA A 377 -22.65 -10.40 -2.36
N ALA A 378 -21.76 -10.45 -1.34
CA ALA A 378 -21.53 -9.33 -0.42
C ALA A 378 -20.87 -8.12 -1.12
N CYS A 379 -20.02 -8.37 -2.14
CA CYS A 379 -19.41 -7.31 -2.95
C CYS A 379 -20.50 -6.52 -3.67
N ILE A 380 -21.51 -7.23 -4.18
CA ILE A 380 -22.62 -6.63 -4.92
C ILE A 380 -23.64 -5.95 -3.99
N LYS A 381 -24.16 -6.68 -3.00
CA LYS A 381 -25.25 -6.20 -2.14
C LYS A 381 -24.82 -5.43 -0.91
N GLY A 382 -23.59 -5.66 -0.44
CA GLY A 382 -23.11 -5.18 0.83
C GLY A 382 -23.46 -6.26 1.85
N LEU A 383 -22.51 -6.67 2.70
CA LEU A 383 -22.74 -7.75 3.68
C LEU A 383 -24.05 -7.64 4.49
N PRO A 384 -24.46 -6.47 5.03
CA PRO A 384 -25.71 -6.42 5.82
C PRO A 384 -26.97 -6.72 5.02
N ASN A 385 -26.93 -6.61 3.68
CA ASN A 385 -28.12 -6.83 2.86
C ASN A 385 -28.09 -8.14 2.02
N VAL A 386 -27.09 -9.02 2.23
CA VAL A 386 -27.04 -10.29 1.49
C VAL A 386 -28.13 -11.23 2.06
N GLN A 387 -28.88 -11.89 1.20
CA GLN A 387 -29.87 -12.87 1.60
C GLN A 387 -29.36 -14.23 1.12
N ARG A 388 -29.86 -15.29 1.75
CA ARG A 388 -29.47 -16.66 1.38
C ARG A 388 -29.65 -16.95 -0.11
N SER A 389 -30.75 -16.40 -0.72
CA SER A 389 -31.04 -16.58 -2.15
C SER A 389 -30.02 -15.89 -3.10
N ASP A 390 -29.15 -15.03 -2.59
CA ASP A 390 -28.16 -14.31 -3.41
C ASP A 390 -26.91 -15.14 -3.71
N TYR A 391 -26.71 -16.23 -2.96
CA TYR A 391 -25.47 -17.00 -3.15
C TYR A 391 -25.65 -18.50 -3.07
N LEU A 392 -24.55 -19.23 -3.38
CA LEU A 392 -24.50 -20.69 -3.29
C LEU A 392 -23.50 -21.06 -2.20
N ASN A 393 -23.75 -22.17 -1.47
CA ASN A 393 -22.78 -22.59 -0.47
C ASN A 393 -21.57 -23.24 -1.22
N THR A 394 -20.49 -23.59 -0.50
CA THR A 394 -19.27 -24.17 -1.10
C THR A 394 -19.54 -25.32 -2.08
N PHE A 395 -20.40 -26.27 -1.65
CA PHE A 395 -20.72 -27.47 -2.40
C PHE A 395 -21.64 -27.22 -3.57
N GLU A 396 -22.67 -26.38 -3.37
CA GLU A 396 -23.60 -26.00 -4.44
C GLU A 396 -22.84 -25.25 -5.55
N PHE A 397 -21.89 -24.37 -5.18
CA PHE A 397 -21.15 -23.60 -6.20
C PHE A 397 -20.25 -24.53 -7.02
N MET A 398 -19.57 -25.47 -6.36
CA MET A 398 -18.75 -26.46 -7.06
C MET A 398 -19.59 -27.33 -8.00
N ASP A 399 -20.81 -27.70 -7.57
CA ASP A 399 -21.74 -28.50 -8.42
C ASP A 399 -22.17 -27.71 -9.63
N LYS A 400 -22.48 -26.40 -9.45
CA LYS A 400 -22.88 -25.54 -10.57
C LYS A 400 -21.73 -25.45 -11.60
N LEU A 401 -20.49 -25.25 -11.12
CA LEU A 401 -19.31 -25.19 -11.98
C LEU A 401 -19.15 -26.50 -12.75
N GLY A 402 -19.30 -27.64 -12.05
CA GLY A 402 -19.22 -28.97 -12.65
C GLY A 402 -20.23 -29.16 -13.78
N GLU A 403 -21.50 -28.75 -13.54
CA GLU A 403 -22.56 -28.83 -14.55
C GLU A 403 -22.25 -27.94 -15.76
N ASN A 404 -21.75 -26.72 -15.53
CA ASN A 404 -21.41 -25.79 -16.62
C ASN A 404 -20.22 -26.24 -17.41
N LEU A 405 -19.22 -26.86 -16.74
CA LEU A 405 -18.02 -27.38 -17.40
C LEU A 405 -18.39 -28.53 -18.33
N LYS A 406 -19.26 -29.44 -17.87
CA LYS A 406 -19.75 -30.57 -18.69
C LYS A 406 -20.41 -30.04 -19.96
N ILE A 407 -21.27 -29.02 -19.85
CA ILE A 407 -21.97 -28.43 -21.00
C ILE A 407 -20.97 -27.81 -21.95
N LYS A 408 -20.03 -26.97 -21.42
CA LYS A 408 -19.01 -26.26 -22.21
C LYS A 408 -18.20 -27.23 -23.05
N LEU A 409 -17.67 -28.27 -22.41
CA LEU A 409 -16.85 -29.26 -23.09
C LEU A 409 -17.63 -30.12 -24.10
N ALA A 410 -18.94 -30.35 -23.85
CA ALA A 410 -19.82 -31.07 -24.78
C ALA A 410 -20.07 -30.18 -26.02
N GLN A 411 -20.32 -28.85 -25.81
CA GLN A 411 -20.54 -27.90 -26.91
C GLN A 411 -19.30 -27.78 -27.80
N ALA A 412 -18.11 -27.82 -27.18
CA ALA A 412 -16.82 -27.73 -27.85
C ALA A 412 -16.56 -28.90 -28.77
N LYS A 413 -17.06 -30.11 -28.40
CA LYS A 413 -16.90 -31.34 -29.19
C LYS A 413 -17.74 -31.32 -30.48
N LEU A 414 -18.91 -30.64 -30.48
CA LEU A 414 -19.78 -30.50 -31.66
C LEU A 414 -19.86 -29.06 -32.15
N LYS B 3 -22.90 38.02 20.09
CA LYS B 3 -21.47 38.17 19.85
C LYS B 3 -20.84 36.87 19.32
N LYS B 4 -19.72 37.02 18.61
CA LYS B 4 -18.99 35.90 18.01
C LYS B 4 -18.15 35.20 19.04
N ILE B 5 -17.70 33.98 18.74
CA ILE B 5 -16.80 33.25 19.61
C ILE B 5 -15.42 33.90 19.57
N SER B 6 -14.81 34.12 20.73
CA SER B 6 -13.45 34.62 20.86
C SER B 6 -12.54 33.39 20.68
N GLY B 7 -11.91 33.28 19.49
CA GLY B 7 -11.11 32.11 19.09
C GLY B 7 -9.65 32.07 19.47
N GLY B 8 -9.06 33.21 19.80
CA GLY B 8 -7.64 33.24 20.17
C GLY B 8 -6.69 33.26 18.98
N SER B 9 -5.43 32.88 19.23
CA SER B 9 -4.33 32.92 18.26
C SER B 9 -4.28 31.77 17.28
N VAL B 10 -4.41 32.09 15.99
CA VAL B 10 -4.31 31.07 14.92
C VAL B 10 -3.34 31.62 13.86
N VAL B 11 -2.40 30.78 13.42
CA VAL B 11 -1.50 31.12 12.32
C VAL B 11 -2.18 30.58 11.06
N GLU B 12 -2.42 31.46 10.09
CA GLU B 12 -3.09 31.10 8.84
C GLU B 12 -2.09 31.36 7.71
N MET B 13 -2.00 30.41 6.75
CA MET B 13 -1.11 30.59 5.61
C MET B 13 -1.94 30.52 4.33
N GLN B 14 -2.03 31.65 3.60
CA GLN B 14 -2.76 31.70 2.34
C GLN B 14 -1.91 31.03 1.27
N GLY B 15 -2.57 30.45 0.27
CA GLY B 15 -1.87 29.67 -0.75
C GLY B 15 -2.12 30.11 -2.16
N ASP B 16 -2.24 29.11 -3.05
CA ASP B 16 -2.28 29.35 -4.47
C ASP B 16 -3.43 28.73 -5.21
N GLU B 17 -3.66 29.25 -6.42
CA GLU B 17 -4.59 28.76 -7.44
C GLU B 17 -6.00 28.42 -6.91
N MET B 18 -6.54 27.23 -7.20
CA MET B 18 -7.94 26.94 -6.80
C MET B 18 -8.14 26.91 -5.28
N THR B 19 -7.17 26.37 -4.57
CA THR B 19 -7.23 26.31 -3.10
C THR B 19 -7.28 27.72 -2.49
N ARG B 20 -6.56 28.70 -3.08
CA ARG B 20 -6.59 30.10 -2.60
C ARG B 20 -8.03 30.62 -2.66
N ILE B 21 -8.75 30.33 -3.75
CA ILE B 21 -10.15 30.78 -3.90
C ILE B 21 -11.06 30.14 -2.86
N ILE B 22 -10.95 28.83 -2.72
CA ILE B 22 -11.76 28.11 -1.75
C ILE B 22 -11.45 28.58 -0.30
N TRP B 23 -10.16 28.80 0.02
CA TRP B 23 -9.68 29.24 1.34
C TRP B 23 -10.39 30.55 1.73
N GLU B 24 -10.48 31.48 0.78
CA GLU B 24 -11.17 32.76 1.05
C GLU B 24 -12.64 32.56 1.26
N LEU B 25 -13.29 31.66 0.48
CA LEU B 25 -14.72 31.34 0.67
C LEU B 25 -14.96 30.73 2.05
N ILE B 26 -14.07 29.83 2.48
CA ILE B 26 -14.23 29.21 3.81
C ILE B 26 -14.17 30.28 4.91
N LYS B 27 -13.16 31.14 4.87
CA LYS B 27 -13.06 32.22 5.85
C LYS B 27 -14.30 33.12 5.84
N GLU B 28 -14.70 33.58 4.64
CA GLU B 28 -15.82 34.50 4.55
C GLU B 28 -17.17 33.91 4.91
N LYS B 29 -17.44 32.66 4.53
CA LYS B 29 -18.75 32.04 4.71
C LYS B 29 -18.89 31.17 5.95
N LEU B 30 -17.80 30.53 6.36
CA LEU B 30 -17.88 29.56 7.46
C LEU B 30 -17.20 29.94 8.75
N ILE B 31 -16.10 30.70 8.69
CA ILE B 31 -15.33 30.98 9.90
C ILE B 31 -15.65 32.35 10.48
N PHE B 32 -15.36 33.41 9.70
CA PHE B 32 -15.52 34.81 10.13
C PHE B 32 -16.92 35.21 10.62
N PRO B 33 -18.05 34.69 10.06
CA PRO B 33 -19.36 35.07 10.61
C PRO B 33 -19.59 34.57 12.05
N TYR B 34 -18.77 33.61 12.53
CA TYR B 34 -18.96 32.98 13.85
C TYR B 34 -17.85 33.10 14.85
N VAL B 35 -16.59 33.28 14.37
CA VAL B 35 -15.43 33.27 15.23
C VAL B 35 -14.55 34.51 14.95
N GLU B 36 -14.11 35.17 16.03
CA GLU B 36 -13.16 36.28 15.97
C GLU B 36 -11.81 35.71 16.34
N LEU B 37 -10.81 35.89 15.48
CA LEU B 37 -9.48 35.35 15.75
C LEU B 37 -8.43 36.44 15.82
N ASP B 38 -7.41 36.20 16.64
CA ASP B 38 -6.20 37.02 16.69
C ASP B 38 -5.41 36.33 15.60
N LEU B 39 -5.68 36.73 14.37
CA LEU B 39 -5.17 36.04 13.21
C LEU B 39 -3.77 36.47 12.82
N HIS B 40 -2.82 35.52 12.83
CA HIS B 40 -1.44 35.75 12.41
C HIS B 40 -1.40 35.22 10.99
N SER B 41 -1.72 36.09 10.03
CA SER B 41 -1.89 35.70 8.61
C SER B 41 -0.64 35.91 7.77
N TYR B 42 -0.19 34.83 7.06
CA TYR B 42 0.99 34.91 6.20
C TYR B 42 0.59 34.55 4.79
N ASP B 43 1.05 35.34 3.83
CA ASP B 43 0.70 35.08 2.44
C ASP B 43 1.76 34.22 1.79
N LEU B 44 1.48 32.92 1.68
CA LEU B 44 2.39 31.99 1.02
C LEU B 44 2.09 31.79 -0.47
N GLY B 45 1.38 32.75 -1.07
CA GLY B 45 1.15 32.77 -2.50
C GLY B 45 2.52 32.77 -3.18
N ILE B 46 2.66 32.09 -4.32
CA ILE B 46 3.98 31.99 -4.99
C ILE B 46 4.61 33.37 -5.29
N GLU B 47 3.80 34.35 -5.71
CA GLU B 47 4.26 35.70 -6.04
C GLU B 47 4.85 36.39 -4.82
N ASN B 48 4.20 36.22 -3.65
CA ASN B 48 4.68 36.81 -2.40
C ASN B 48 5.93 36.08 -1.88
N ARG B 49 6.00 34.75 -2.04
CA ARG B 49 7.21 34.04 -1.62
C ARG B 49 8.38 34.54 -2.51
N ASP B 50 8.12 34.75 -3.83
CA ASP B 50 9.18 35.24 -4.73
C ASP B 50 9.61 36.66 -4.35
N ALA B 51 8.63 37.55 -4.11
CA ALA B 51 8.89 38.95 -3.73
C ALA B 51 9.65 39.07 -2.41
N THR B 52 9.40 38.17 -1.45
CA THR B 52 10.07 38.23 -0.14
C THR B 52 11.31 37.36 -0.05
N ASN B 53 11.73 36.74 -1.18
CA ASN B 53 12.86 35.79 -1.20
C ASN B 53 12.63 34.63 -0.25
N ASP B 54 11.35 34.19 -0.19
CA ASP B 54 10.86 33.11 0.66
C ASP B 54 10.90 33.41 2.17
N GLN B 55 11.17 34.67 2.56
CA GLN B 55 11.20 35.03 3.99
C GLN B 55 9.84 34.81 4.65
N VAL B 56 8.74 35.03 3.90
CA VAL B 56 7.37 34.83 4.43
C VAL B 56 7.16 33.40 4.98
N THR B 57 7.71 32.40 4.27
CA THR B 57 7.57 30.99 4.65
C THR B 57 8.26 30.73 5.99
N LYS B 58 9.49 31.23 6.12
CA LYS B 58 10.27 31.07 7.35
C LYS B 58 9.58 31.77 8.53
N ASP B 59 9.01 32.97 8.28
CA ASP B 59 8.31 33.72 9.33
C ASP B 59 7.03 32.98 9.74
N ALA B 60 6.31 32.39 8.76
CA ALA B 60 5.08 31.64 9.08
C ALA B 60 5.44 30.45 9.97
N ALA B 61 6.53 29.74 9.64
CA ALA B 61 6.96 28.57 10.44
C ALA B 61 7.29 28.98 11.87
N GLU B 62 7.98 30.13 12.04
CA GLU B 62 8.31 30.62 13.37
C GLU B 62 7.06 31.01 14.16
N ALA B 63 6.05 31.58 13.47
CA ALA B 63 4.78 31.95 14.10
C ALA B 63 4.04 30.68 14.60
N ILE B 64 4.07 29.58 13.82
CA ILE B 64 3.41 28.33 14.29
C ILE B 64 4.12 27.82 15.56
N LYS B 65 5.46 27.89 15.57
CA LYS B 65 6.25 27.44 16.73
C LYS B 65 5.87 28.27 17.99
N LYS B 66 5.63 29.58 17.81
CA LYS B 66 5.26 30.46 18.90
C LYS B 66 3.79 30.26 19.35
N HIS B 67 2.86 30.20 18.38
CA HIS B 67 1.42 30.16 18.66
C HIS B 67 0.76 28.78 18.71
N ASN B 68 1.50 27.73 18.36
CA ASN B 68 1.09 26.32 18.43
C ASN B 68 0.02 25.83 17.45
N VAL B 69 -0.62 26.73 16.71
CA VAL B 69 -1.70 26.34 15.82
C VAL B 69 -1.48 26.96 14.45
N GLY B 70 -1.34 26.11 13.45
CA GLY B 70 -1.17 26.53 12.07
C GLY B 70 -2.23 25.90 11.18
N VAL B 71 -2.81 26.68 10.26
CA VAL B 71 -3.81 26.20 9.27
C VAL B 71 -3.28 26.70 7.92
N LYS B 72 -2.94 25.76 7.02
CA LYS B 72 -2.28 26.12 5.77
C LYS B 72 -3.05 25.73 4.53
N CYS B 73 -3.13 26.67 3.59
CA CYS B 73 -3.76 26.47 2.28
C CYS B 73 -2.70 25.79 1.37
N ALA B 74 -3.12 24.94 0.39
CA ALA B 74 -2.15 24.31 -0.52
C ALA B 74 -1.35 25.38 -1.29
N THR B 75 -0.05 25.11 -1.55
CA THR B 75 0.84 26.05 -2.22
C THR B 75 1.52 25.39 -3.43
N ILE B 76 1.94 26.20 -4.38
CA ILE B 76 2.70 25.70 -5.53
C ILE B 76 4.13 25.38 -5.09
N THR B 77 4.60 24.15 -5.40
CA THR B 77 6.01 23.81 -5.19
C THR B 77 6.68 24.06 -6.57
N PRO B 78 7.58 25.08 -6.67
CA PRO B 78 8.20 25.37 -7.96
C PRO B 78 8.96 24.20 -8.57
N ASP B 79 8.88 24.12 -9.88
CA ASP B 79 9.63 23.20 -10.76
C ASP B 79 10.01 24.08 -11.96
N GLU B 80 10.68 23.53 -13.00
CA GLU B 80 11.09 24.33 -14.16
C GLU B 80 9.98 25.11 -14.83
N LYS B 81 8.81 24.47 -15.06
CA LYS B 81 7.66 25.11 -15.68
C LYS B 81 7.15 26.28 -14.83
N ARG B 82 7.12 26.13 -13.50
CA ARG B 82 6.66 27.23 -12.62
C ARG B 82 7.62 28.41 -12.67
N VAL B 83 8.95 28.13 -12.68
CA VAL B 83 9.99 29.18 -12.76
C VAL B 83 9.71 30.02 -14.01
N GLU B 84 9.43 29.36 -15.15
CA GLU B 84 9.10 30.06 -16.37
C GLU B 84 7.75 30.77 -16.33
N GLU B 85 6.72 30.13 -15.74
CA GLU B 85 5.37 30.71 -15.63
C GLU B 85 5.33 32.02 -14.80
N PHE B 86 6.04 32.04 -13.66
CA PHE B 86 6.05 33.22 -12.78
C PHE B 86 7.34 34.05 -12.86
N LYS B 87 8.30 33.65 -13.73
CA LYS B 87 9.60 34.32 -13.87
C LYS B 87 10.25 34.39 -12.46
N LEU B 88 10.25 33.24 -11.77
CA LEU B 88 10.77 33.14 -10.41
C LEU B 88 12.25 33.41 -10.35
N LYS B 89 12.72 33.98 -9.24
CA LYS B 89 14.14 34.31 -9.06
C LYS B 89 14.97 33.04 -8.86
N GLN B 90 14.39 32.05 -8.19
CA GLN B 90 15.02 30.75 -7.85
C GLN B 90 13.93 29.70 -7.87
N MET B 91 14.31 28.40 -7.87
CA MET B 91 13.33 27.32 -7.76
C MET B 91 13.14 27.11 -6.26
N TRP B 92 12.29 27.96 -5.64
CA TRP B 92 12.07 27.94 -4.20
C TRP B 92 11.70 26.55 -3.70
N LYS B 93 12.18 26.18 -2.53
CA LYS B 93 11.89 24.88 -1.95
C LYS B 93 10.42 24.85 -1.50
N SER B 94 9.87 23.64 -1.42
CA SER B 94 8.49 23.44 -0.98
C SER B 94 8.26 24.14 0.38
N PRO B 95 7.22 25.00 0.52
CA PRO B 95 6.93 25.59 1.84
C PRO B 95 6.69 24.54 2.91
N ASN B 96 6.08 23.40 2.53
CA ASN B 96 5.80 22.27 3.43
C ASN B 96 7.10 21.72 3.99
N GLY B 97 8.11 21.59 3.13
CA GLY B 97 9.46 21.15 3.51
C GLY B 97 10.12 22.09 4.50
N THR B 98 10.07 23.41 4.21
CA THR B 98 10.63 24.46 5.09
C THR B 98 9.94 24.44 6.45
N ILE B 99 8.58 24.39 6.46
CA ILE B 99 7.82 24.37 7.71
C ILE B 99 8.14 23.11 8.52
N ARG B 100 8.12 21.91 7.88
CA ARG B 100 8.43 20.65 8.57
C ARG B 100 9.82 20.66 9.19
N ASN B 101 10.82 21.17 8.46
CA ASN B 101 12.21 21.26 8.94
C ASN B 101 12.35 22.11 10.19
N ILE B 102 11.59 23.23 10.26
CA ILE B 102 11.60 24.10 11.42
C ILE B 102 10.78 23.51 12.59
N LEU B 103 9.61 22.94 12.30
CA LEU B 103 8.77 22.43 13.38
C LEU B 103 9.11 21.04 13.87
N GLY B 104 9.51 20.17 12.97
CA GLY B 104 9.67 18.75 13.26
C GLY B 104 8.28 18.12 13.37
N GLY B 105 8.22 16.84 13.67
CA GLY B 105 6.94 16.19 13.84
C GLY B 105 6.64 15.12 12.81
N THR B 106 5.48 14.51 12.93
CA THR B 106 4.99 13.43 12.08
C THR B 106 3.69 13.86 11.44
N VAL B 107 3.55 13.53 10.16
CA VAL B 107 2.36 13.86 9.39
C VAL B 107 1.36 12.69 9.48
N PHE B 108 0.13 12.98 9.93
CA PHE B 108 -0.96 12.02 10.04
C PHE B 108 -2.02 12.36 9.03
N ARG B 109 -2.43 11.36 8.23
CA ARG B 109 -3.41 11.56 7.17
C ARG B 109 -4.69 10.82 7.50
N GLU B 110 -5.82 11.48 7.26
CA GLU B 110 -7.12 10.90 7.55
C GLU B 110 -8.14 11.25 6.47
N ALA B 111 -8.77 10.21 5.89
CA ALA B 111 -9.81 10.40 4.87
C ALA B 111 -11.13 10.52 5.60
N ILE B 112 -11.86 11.59 5.31
CA ILE B 112 -13.17 11.91 5.88
C ILE B 112 -14.18 10.94 5.31
N ILE B 113 -14.93 10.24 6.19
CA ILE B 113 -15.90 9.24 5.77
C ILE B 113 -17.32 9.79 5.73
N CYS B 114 -18.07 9.48 4.66
CA CYS B 114 -19.49 9.84 4.51
C CYS B 114 -20.20 8.53 4.23
N LYS B 115 -21.28 8.25 4.93
CA LYS B 115 -22.00 6.97 4.77
C LYS B 115 -22.42 6.62 3.35
N ASN B 116 -22.75 7.63 2.53
CA ASN B 116 -23.18 7.43 1.14
C ASN B 116 -22.01 7.44 0.14
N ILE B 117 -20.75 7.63 0.62
CA ILE B 117 -19.59 7.67 -0.30
C ILE B 117 -18.82 6.34 -0.21
N PRO B 118 -18.75 5.57 -1.31
CA PRO B 118 -18.07 4.25 -1.25
C PRO B 118 -16.62 4.32 -0.75
N ARG B 119 -16.28 3.35 0.12
CA ARG B 119 -14.97 3.24 0.77
C ARG B 119 -14.30 1.95 0.30
N LEU B 120 -13.00 1.79 0.60
CA LEU B 120 -12.25 0.56 0.29
C LEU B 120 -12.88 -0.59 1.11
N VAL B 121 -13.16 -0.35 2.41
CA VAL B 121 -13.80 -1.30 3.31
C VAL B 121 -15.13 -0.69 3.76
N SER B 122 -16.25 -1.32 3.33
CA SER B 122 -17.61 -0.89 3.64
C SER B 122 -17.90 -0.84 5.14
N GLY B 123 -17.28 -1.77 5.89
CA GLY B 123 -17.37 -1.88 7.34
C GLY B 123 -16.79 -0.71 8.10
N TRP B 124 -15.90 0.12 7.45
CA TRP B 124 -15.30 1.29 8.10
C TRP B 124 -16.36 2.34 8.44
N VAL B 125 -16.59 2.57 9.73
CA VAL B 125 -17.55 3.56 10.23
C VAL B 125 -16.76 4.79 10.62
N LYS B 126 -15.56 4.54 11.17
CA LYS B 126 -14.66 5.58 11.60
C LYS B 126 -13.38 5.50 10.79
N PRO B 127 -12.75 6.65 10.54
CA PRO B 127 -11.51 6.63 9.76
C PRO B 127 -10.34 5.96 10.49
N ILE B 128 -9.32 5.68 9.71
CA ILE B 128 -8.06 5.14 10.18
C ILE B 128 -7.10 6.32 9.94
N ILE B 129 -6.29 6.65 10.94
CA ILE B 129 -5.36 7.77 10.81
C ILE B 129 -3.97 7.18 10.64
N ILE B 130 -3.34 7.45 9.49
CA ILE B 130 -2.02 6.88 9.18
C ILE B 130 -0.91 7.91 9.29
N GLY B 131 0.14 7.57 10.03
CA GLY B 131 1.31 8.42 10.16
C GLY B 131 2.56 7.65 9.75
N HIS B 132 3.36 8.24 8.88
CA HIS B 132 4.56 7.56 8.42
C HIS B 132 5.81 8.12 9.05
N HIS B 133 6.83 7.25 9.25
CA HIS B 133 8.12 7.77 9.69
C HIS B 133 8.72 8.32 8.40
N ALA B 134 8.85 9.65 8.32
CA ALA B 134 9.37 10.30 7.11
C ALA B 134 10.76 10.88 7.35
N TYR B 135 11.35 11.46 6.28
CA TYR B 135 12.67 12.07 6.30
C TYR B 135 12.64 13.58 6.50
N GLY B 136 13.58 14.07 7.31
CA GLY B 136 13.72 15.50 7.62
C GLY B 136 14.22 16.37 6.49
N ASP B 137 13.74 16.11 5.24
CA ASP B 137 14.03 16.81 3.98
C ASP B 137 15.49 16.86 3.54
N GLN B 138 16.42 17.08 4.48
CA GLN B 138 17.86 17.12 4.24
C GLN B 138 18.49 15.71 4.41
N TYR B 139 17.76 14.80 5.09
CA TYR B 139 18.13 13.41 5.38
C TYR B 139 18.10 12.57 4.11
N ARG B 140 19.16 11.75 3.90
CA ARG B 140 19.22 10.85 2.73
C ARG B 140 19.93 9.51 2.94
N ALA B 141 19.83 8.66 1.92
CA ALA B 141 20.49 7.37 1.87
C ALA B 141 21.71 7.53 0.95
N THR B 142 22.75 6.75 1.21
CA THR B 142 23.99 6.84 0.45
C THR B 142 24.02 5.65 -0.48
N ASP B 143 23.60 5.84 -1.75
CA ASP B 143 23.57 4.77 -2.73
C ASP B 143 24.64 4.94 -3.79
N PHE B 144 25.07 3.83 -4.37
CA PHE B 144 26.09 3.82 -5.43
C PHE B 144 26.04 2.56 -6.27
N VAL B 145 26.63 2.65 -7.45
CA VAL B 145 26.75 1.54 -8.36
C VAL B 145 27.98 0.72 -7.96
N VAL B 146 27.86 -0.60 -8.00
CA VAL B 146 28.96 -1.55 -7.78
C VAL B 146 29.32 -2.01 -9.22
N PRO B 147 30.42 -1.47 -9.79
CA PRO B 147 30.71 -1.74 -11.21
C PRO B 147 31.20 -3.14 -11.52
N GLY B 148 31.66 -3.85 -10.52
CA GLY B 148 32.18 -5.18 -10.73
C GLY B 148 32.46 -5.91 -9.44
N PRO B 149 33.05 -7.12 -9.55
CA PRO B 149 33.31 -7.92 -8.35
C PRO B 149 34.12 -7.21 -7.28
N GLY B 150 33.79 -7.49 -6.03
CA GLY B 150 34.46 -6.89 -4.88
C GLY B 150 33.57 -6.90 -3.66
N LYS B 151 34.08 -6.35 -2.55
CA LYS B 151 33.36 -6.36 -1.29
C LYS B 151 32.73 -5.06 -0.99
N VAL B 152 31.52 -5.10 -0.46
CA VAL B 152 30.88 -3.91 0.10
C VAL B 152 30.77 -4.15 1.61
N GLU B 153 31.30 -3.23 2.41
CA GLU B 153 31.29 -3.32 3.87
C GLU B 153 30.76 -2.03 4.44
N ILE B 154 30.15 -2.10 5.61
CA ILE B 154 29.63 -0.95 6.31
C ILE B 154 30.28 -0.95 7.68
N THR B 155 30.87 0.21 8.07
CA THR B 155 31.66 0.29 9.28
C THR B 155 31.15 1.36 10.22
N TYR B 156 31.35 1.14 11.50
CA TYR B 156 30.99 2.10 12.53
C TYR B 156 32.25 2.37 13.35
N THR B 157 32.68 3.65 13.40
CA THR B 157 33.87 4.04 14.15
C THR B 157 33.42 4.89 15.37
N PRO B 158 33.38 4.28 16.57
CA PRO B 158 32.93 5.04 17.76
C PRO B 158 33.74 6.31 18.04
N SER B 159 33.03 7.40 18.39
CA SER B 159 33.66 8.68 18.77
C SER B 159 34.41 8.48 20.06
N ASP B 160 33.95 7.49 20.90
CA ASP B 160 34.58 7.20 22.18
C ASP B 160 35.95 6.46 22.13
N GLY B 161 36.47 6.23 20.92
CA GLY B 161 37.77 5.60 20.73
C GLY B 161 37.80 4.10 20.77
N THR B 162 36.65 3.46 21.07
CA THR B 162 36.60 1.98 21.11
C THR B 162 36.73 1.36 19.71
N GLN B 163 36.97 0.05 19.64
CA GLN B 163 37.24 -0.56 18.37
C GLN B 163 36.13 -0.38 17.34
N LYS B 164 36.55 -0.06 16.15
CA LYS B 164 35.73 0.09 14.97
C LYS B 164 35.09 -1.29 14.70
N VAL B 165 33.86 -1.30 14.21
CA VAL B 165 33.12 -2.54 13.91
C VAL B 165 32.82 -2.53 12.40
N THR B 166 33.08 -3.65 11.73
CA THR B 166 32.93 -3.77 10.28
C THR B 166 31.93 -4.90 10.01
N TYR B 167 30.93 -4.62 9.18
CA TYR B 167 29.92 -5.59 8.76
C TYR B 167 30.03 -5.82 7.27
N LEU B 168 30.10 -7.07 6.86
CA LEU B 168 30.11 -7.35 5.42
C LEU B 168 28.66 -7.20 4.92
N VAL B 169 28.47 -6.38 3.87
CA VAL B 169 27.14 -6.18 3.29
C VAL B 169 26.98 -7.30 2.22
N HIS B 170 27.96 -7.39 1.29
CA HIS B 170 27.95 -8.43 0.27
C HIS B 170 29.30 -8.54 -0.40
N ASN B 171 29.69 -9.77 -0.75
CA ASN B 171 30.86 -10.05 -1.55
C ASN B 171 30.33 -10.32 -2.97
N PHE B 172 30.50 -9.37 -3.88
CA PHE B 172 30.11 -9.50 -5.29
C PHE B 172 31.19 -10.38 -5.95
N GLU B 173 30.89 -11.66 -6.16
CA GLU B 173 31.86 -12.63 -6.67
C GLU B 173 31.93 -12.69 -8.19
N GLU B 174 30.82 -12.41 -8.83
CA GLU B 174 30.71 -12.34 -10.28
C GLU B 174 29.75 -11.18 -10.50
N GLY B 175 30.15 -10.29 -11.37
CA GLY B 175 29.39 -9.14 -11.77
C GLY B 175 29.29 -8.03 -10.74
N GLY B 176 28.51 -7.02 -11.09
CA GLY B 176 28.29 -5.86 -10.25
C GLY B 176 26.85 -5.78 -9.76
N GLY B 177 26.44 -4.57 -9.44
CA GLY B 177 25.10 -4.31 -8.94
C GLY B 177 25.01 -2.95 -8.30
N VAL B 178 24.30 -2.89 -7.18
CA VAL B 178 24.11 -1.65 -6.44
C VAL B 178 24.23 -1.91 -4.94
N ALA B 179 24.52 -0.88 -4.18
CA ALA B 179 24.55 -0.95 -2.72
C ALA B 179 24.22 0.38 -2.14
N MET B 180 23.78 0.38 -0.88
CA MET B 180 23.46 1.60 -0.19
C MET B 180 23.51 1.49 1.29
N GLY B 181 23.74 2.63 1.91
CA GLY B 181 23.77 2.77 3.36
C GLY B 181 22.65 3.69 3.77
N MET B 182 22.00 3.35 4.89
CA MET B 182 20.87 4.10 5.47
C MET B 182 21.05 4.26 6.97
N TYR B 183 20.45 5.26 7.58
CA TYR B 183 20.58 5.41 9.03
C TYR B 183 19.37 6.08 9.62
N ASN B 184 19.24 6.02 10.93
CA ASN B 184 18.21 6.75 11.65
C ASN B 184 18.76 7.10 13.04
N GLN B 185 18.53 8.31 13.49
CA GLN B 185 18.97 8.74 14.82
C GLN B 185 17.88 8.42 15.82
N ASP B 186 18.29 8.04 17.05
CA ASP B 186 17.34 7.73 18.14
C ASP B 186 16.33 8.87 18.36
N LYS B 187 16.80 10.13 18.33
CA LYS B 187 15.92 11.30 18.52
C LYS B 187 14.77 11.33 17.53
N SER B 188 15.02 10.96 16.25
CA SER B 188 13.97 10.93 15.22
C SER B 188 12.92 9.87 15.58
N ILE B 189 13.38 8.69 16.09
CA ILE B 189 12.47 7.61 16.46
C ILE B 189 11.62 8.02 17.65
N GLU B 190 12.26 8.63 18.65
CA GLU B 190 11.60 9.12 19.86
C GLU B 190 10.53 10.15 19.53
N ASP B 191 10.86 11.11 18.65
CA ASP B 191 9.91 12.15 18.18
C ASP B 191 8.72 11.49 17.48
N PHE B 192 9.00 10.47 16.65
CA PHE B 192 7.95 9.70 15.96
C PHE B 192 7.00 9.06 16.96
N ALA B 193 7.57 8.41 18.00
CA ALA B 193 6.79 7.77 19.08
C ALA B 193 5.96 8.80 19.82
N HIS B 194 6.60 9.88 20.28
CA HIS B 194 5.87 10.93 21.03
C HIS B 194 4.71 11.51 20.21
N SER B 195 4.96 11.85 18.94
CA SER B 195 3.87 12.38 18.08
C SER B 195 2.69 11.38 17.94
N SER B 196 3.02 10.08 17.76
CA SER B 196 2.02 9.02 17.61
C SER B 196 1.15 8.85 18.89
N PHE B 197 1.80 8.83 20.06
CA PHE B 197 1.10 8.70 21.36
C PHE B 197 0.23 9.94 21.62
N GLN B 198 0.76 11.13 21.31
CA GLN B 198 0.02 12.39 21.49
C GLN B 198 -1.22 12.41 20.59
N MET B 199 -1.05 11.97 19.31
CA MET B 199 -2.12 11.90 18.33
C MET B 199 -3.27 10.97 18.82
N ALA B 200 -2.92 9.76 19.30
CA ALA B 200 -3.86 8.77 19.84
C ALA B 200 -4.59 9.30 21.08
N LEU B 201 -3.85 9.97 22.00
CA LEU B 201 -4.45 10.53 23.23
C LEU B 201 -5.49 11.60 22.90
N SER B 202 -5.15 12.45 21.92
CA SER B 202 -5.98 13.54 21.41
C SER B 202 -7.31 13.04 20.79
N LYS B 203 -7.27 11.96 20.01
CA LYS B 203 -8.45 11.37 19.35
C LYS B 203 -9.22 10.44 20.26
N GLY B 204 -8.53 9.88 21.25
CA GLY B 204 -9.09 8.87 22.15
C GLY B 204 -9.28 7.57 21.41
N TRP B 205 -8.33 7.22 20.52
CA TRP B 205 -8.34 6.00 19.72
C TRP B 205 -7.08 5.16 20.03
N PRO B 206 -7.11 3.81 19.86
CA PRO B 206 -5.89 3.01 20.11
C PRO B 206 -4.85 3.29 19.05
N LEU B 207 -3.58 3.02 19.39
CA LEU B 207 -2.46 3.21 18.46
C LEU B 207 -1.76 1.88 18.16
N TYR B 208 -1.46 1.68 16.86
CA TYR B 208 -0.70 0.54 16.41
C TYR B 208 0.54 1.02 15.70
N LEU B 209 1.69 0.40 15.99
CA LEU B 209 2.92 0.62 15.24
C LEU B 209 3.19 -0.65 14.44
N SER B 210 3.48 -0.52 13.15
CA SER B 210 3.85 -1.69 12.35
C SER B 210 5.30 -1.54 11.86
N THR B 211 6.10 -2.62 11.97
CA THR B 211 7.48 -2.67 11.49
C THR B 211 7.70 -4.05 10.85
N LYS B 212 8.90 -4.26 10.30
CA LYS B 212 9.30 -5.56 9.74
C LYS B 212 10.44 -6.09 10.61
N ASN B 213 10.25 -6.05 11.95
CA ASN B 213 11.26 -6.45 12.93
C ASN B 213 11.68 -7.92 12.90
N THR B 214 10.95 -8.76 12.14
CA THR B 214 11.31 -10.18 11.97
C THR B 214 12.40 -10.29 10.89
N ILE B 215 12.50 -9.26 10.01
CA ILE B 215 13.49 -9.18 8.93
C ILE B 215 14.62 -8.20 9.32
N LEU B 216 14.25 -6.93 9.65
CA LEU B 216 15.21 -5.92 10.08
C LEU B 216 15.22 -5.95 11.59
N LYS B 217 15.81 -7.03 12.16
CA LYS B 217 15.83 -7.30 13.61
C LYS B 217 16.44 -6.19 14.43
N LYS B 218 17.49 -5.52 13.90
CA LYS B 218 18.12 -4.44 14.64
C LYS B 218 17.49 -3.09 14.30
N TYR B 219 17.35 -2.76 13.01
CA TYR B 219 16.83 -1.48 12.54
C TYR B 219 15.37 -1.26 12.97
N ASP B 220 14.48 -2.20 12.65
CA ASP B 220 13.07 -2.11 13.05
C ASP B 220 12.83 -2.47 14.52
N GLY B 221 13.70 -3.33 15.09
CA GLY B 221 13.64 -3.65 16.52
C GLY B 221 13.83 -2.40 17.37
N ARG B 222 14.68 -1.48 16.91
CA ARG B 222 14.90 -0.22 17.63
C ARG B 222 13.62 0.64 17.69
N PHE B 223 12.85 0.68 16.59
CA PHE B 223 11.58 1.44 16.59
C PHE B 223 10.63 0.81 17.58
N LYS B 224 10.49 -0.54 17.49
CA LYS B 224 9.63 -1.30 18.38
C LYS B 224 9.99 -1.07 19.85
N ASP B 225 11.28 -1.19 20.18
CA ASP B 225 11.78 -0.97 21.56
C ASP B 225 11.58 0.44 22.06
N ILE B 226 11.90 1.46 21.22
CA ILE B 226 11.74 2.86 21.64
C ILE B 226 10.26 3.19 21.91
N PHE B 227 9.33 2.75 21.04
CA PHE B 227 7.89 3.02 21.22
C PHE B 227 7.41 2.34 22.52
N GLN B 228 7.84 1.08 22.75
CA GLN B 228 7.42 0.37 23.97
C GLN B 228 7.99 1.03 25.23
N GLU B 229 9.26 1.52 25.19
CA GLU B 229 9.88 2.16 26.36
C GLU B 229 9.18 3.46 26.71
N ILE B 230 8.87 4.28 25.68
CA ILE B 230 8.21 5.56 25.91
C ILE B 230 6.76 5.33 26.40
N TYR B 231 6.05 4.36 25.80
CA TYR B 231 4.67 4.04 26.18
C TYR B 231 4.59 3.73 27.69
N ASP B 232 5.35 2.71 28.12
CA ASP B 232 5.44 2.21 29.49
C ASP B 232 5.77 3.29 30.50
N LYS B 233 6.74 4.13 30.16
CA LYS B 233 7.17 5.20 31.04
C LYS B 233 6.30 6.44 31.07
N GLN B 234 5.85 6.92 29.89
CA GLN B 234 5.17 8.21 29.78
C GLN B 234 3.68 8.24 29.39
N TYR B 235 3.15 7.17 28.81
CA TYR B 235 1.78 7.23 28.32
C TYR B 235 0.81 6.14 28.76
N LYS B 236 1.32 4.99 29.19
CA LYS B 236 0.48 3.82 29.52
C LYS B 236 -0.70 4.12 30.49
N SER B 237 -0.45 4.91 31.56
CA SER B 237 -1.52 5.23 32.54
C SER B 237 -2.61 6.12 31.88
N GLN B 238 -2.15 7.13 31.09
CA GLN B 238 -2.98 8.05 30.32
C GLN B 238 -3.87 7.31 29.31
N PHE B 239 -3.33 6.27 28.62
CA PHE B 239 -4.06 5.46 27.64
C PHE B 239 -5.16 4.64 28.34
N GLU B 240 -4.79 3.92 29.40
CA GLU B 240 -5.71 3.08 30.20
C GLU B 240 -6.88 3.94 30.74
N ALA B 241 -6.59 5.20 31.15
CA ALA B 241 -7.56 6.19 31.65
C ALA B 241 -8.62 6.53 30.60
N GLN B 242 -8.27 6.44 29.30
CA GLN B 242 -9.17 6.73 28.18
C GLN B 242 -9.66 5.45 27.50
N LYS B 243 -9.41 4.29 28.16
CA LYS B 243 -9.80 2.95 27.69
C LYS B 243 -9.19 2.61 26.32
N ILE B 244 -7.98 3.15 26.05
CA ILE B 244 -7.27 2.88 24.80
C ILE B 244 -5.98 2.12 25.06
N TRP B 245 -5.27 1.73 24.00
CA TRP B 245 -4.05 0.96 24.20
C TRP B 245 -3.07 1.23 23.08
N TYR B 246 -1.83 0.73 23.24
CA TYR B 246 -0.81 0.80 22.21
C TYR B 246 -0.29 -0.62 22.02
N GLU B 247 -0.19 -1.07 20.75
CA GLU B 247 0.40 -2.36 20.44
C GLU B 247 1.28 -2.28 19.19
N HIS B 248 2.39 -3.05 19.18
CA HIS B 248 3.20 -3.25 17.98
C HIS B 248 2.58 -4.41 17.23
N ARG B 249 2.50 -4.30 15.91
CA ARG B 249 1.99 -5.36 15.06
C ARG B 249 2.96 -5.51 13.91
N LEU B 250 3.24 -6.74 13.49
CA LEU B 250 4.07 -6.98 12.33
C LEU B 250 3.23 -6.50 11.12
N ILE B 251 3.86 -5.82 10.15
CA ILE B 251 3.13 -5.27 8.99
C ILE B 251 2.06 -6.20 8.35
N ASP B 252 2.45 -7.46 8.02
CA ASP B 252 1.56 -8.45 7.40
C ASP B 252 0.28 -8.70 8.23
N ASP B 253 0.43 -8.83 9.55
CA ASP B 253 -0.66 -9.07 10.50
C ASP B 253 -1.55 -7.84 10.68
N MET B 254 -0.96 -6.64 10.58
CA MET B 254 -1.62 -5.35 10.73
C MET B 254 -2.57 -5.07 9.58
N VAL B 255 -2.08 -5.29 8.35
CA VAL B 255 -2.84 -5.03 7.12
C VAL B 255 -4.20 -5.78 7.10
N ALA B 256 -4.18 -7.09 7.40
CA ALA B 256 -5.38 -7.93 7.43
C ALA B 256 -6.38 -7.53 8.52
N GLN B 257 -5.90 -7.14 9.71
CA GLN B 257 -6.74 -6.74 10.84
C GLN B 257 -7.50 -5.42 10.59
N ALA B 258 -6.89 -4.47 9.87
CA ALA B 258 -7.48 -3.18 9.53
C ALA B 258 -8.64 -3.36 8.54
N MET B 259 -8.55 -4.39 7.68
CA MET B 259 -9.54 -4.69 6.64
C MET B 259 -10.81 -5.33 7.20
N LYS B 260 -10.70 -6.02 8.34
CA LYS B 260 -11.85 -6.65 9.00
C LYS B 260 -12.35 -5.79 10.17
N SER B 261 -11.79 -4.56 10.29
CA SER B 261 -12.09 -3.58 11.32
C SER B 261 -13.15 -2.55 10.90
N GLU B 262 -13.68 -1.81 11.88
CA GLU B 262 -14.66 -0.74 11.67
C GLU B 262 -13.91 0.62 11.65
N GLY B 263 -12.57 0.55 11.64
CA GLY B 263 -11.66 1.69 11.69
C GLY B 263 -11.50 2.18 13.12
N GLY B 264 -11.28 3.49 13.27
CA GLY B 264 -11.14 4.16 14.57
C GLY B 264 -9.86 3.83 15.33
N PHE B 265 -8.71 3.92 14.65
CA PHE B 265 -7.41 3.69 15.30
C PHE B 265 -6.35 4.50 14.55
N ILE B 266 -5.22 4.71 15.21
CA ILE B 266 -4.06 5.41 14.67
C ILE B 266 -3.08 4.31 14.26
N TRP B 267 -2.48 4.45 13.10
CA TRP B 267 -1.53 3.47 12.61
C TRP B 267 -0.24 4.20 12.27
N ALA B 268 0.82 3.99 13.09
CA ALA B 268 2.16 4.53 12.86
C ALA B 268 2.90 3.48 12.02
N CYS B 269 3.38 3.90 10.87
CA CYS B 269 3.99 3.03 9.90
C CYS B 269 5.47 3.31 9.68
N LYS B 270 6.28 2.26 9.87
CA LYS B 270 7.71 2.23 9.58
C LYS B 270 7.82 1.23 8.40
N ASN B 271 7.91 1.76 7.18
CA ASN B 271 8.01 1.00 5.93
C ASN B 271 9.44 0.46 5.74
N TYR B 272 9.58 -0.65 4.96
CA TYR B 272 10.88 -1.24 4.64
C TYR B 272 11.64 -0.22 3.79
N ASP B 273 12.82 0.20 4.28
CA ASP B 273 13.65 1.24 3.69
C ASP B 273 14.09 0.94 2.25
N GLY B 274 13.94 1.96 1.38
CA GLY B 274 14.26 1.85 -0.04
C GLY B 274 13.05 1.55 -0.93
N ASP B 275 12.00 0.90 -0.36
CA ASP B 275 10.77 0.55 -1.08
C ASP B 275 9.91 1.79 -1.42
N VAL B 276 9.17 1.72 -2.56
CA VAL B 276 8.26 2.78 -3.04
C VAL B 276 6.94 2.73 -2.28
N GLN B 277 6.46 3.91 -1.84
CA GLN B 277 5.24 4.02 -1.05
C GLN B 277 4.29 5.12 -1.56
N SER B 278 3.10 4.71 -2.07
CA SER B 278 2.00 5.54 -2.58
C SER B 278 0.76 4.70 -2.90
N GLY B 286 -8.47 8.56 -1.65
CA GLY B 286 -9.31 9.24 -2.64
C GLY B 286 -10.81 9.13 -2.35
N SER B 287 -11.64 10.13 -2.77
CA SER B 287 -11.29 11.38 -3.47
C SER B 287 -10.25 12.18 -2.64
N LEU B 288 -9.27 12.83 -3.31
CA LEU B 288 -8.25 13.65 -2.62
C LEU B 288 -8.88 14.81 -1.84
N GLY B 289 -10.04 15.26 -2.30
CA GLY B 289 -10.76 16.35 -1.68
C GLY B 289 -11.29 16.00 -0.32
N MET B 290 -11.16 14.72 0.10
CA MET B 290 -11.66 14.21 1.39
C MET B 290 -10.52 13.81 2.33
N MET B 291 -9.29 14.09 1.94
CA MET B 291 -8.13 13.67 2.71
C MET B 291 -7.53 14.87 3.44
N THR B 292 -7.43 14.74 4.74
CA THR B 292 -6.87 15.74 5.63
C THR B 292 -5.48 15.35 6.04
N SER B 293 -4.71 16.34 6.46
CA SER B 293 -3.38 16.10 6.93
C SER B 293 -3.12 16.97 8.17
N VAL B 294 -2.32 16.46 9.11
CA VAL B 294 -1.95 17.20 10.31
C VAL B 294 -0.49 16.86 10.64
N LEU B 295 0.36 17.88 10.79
CA LEU B 295 1.72 17.72 11.27
C LEU B 295 1.61 17.85 12.81
N VAL B 296 1.96 16.79 13.52
CA VAL B 296 1.85 16.72 14.98
C VAL B 296 3.27 16.75 15.56
N CYS B 297 3.59 17.83 16.25
CA CYS B 297 4.91 17.96 16.85
C CYS B 297 5.03 17.05 18.10
N PRO B 298 6.22 16.50 18.43
CA PRO B 298 6.31 15.60 19.60
C PRO B 298 5.97 16.22 20.95
N ASP B 299 6.06 17.56 21.08
CA ASP B 299 5.69 18.27 22.32
C ASP B 299 4.20 18.07 22.71
N GLY B 300 3.36 17.66 21.75
CA GLY B 300 1.92 17.50 21.95
C GLY B 300 1.22 18.85 22.00
N LYS B 301 1.97 19.95 21.80
CA LYS B 301 1.41 21.29 21.85
C LYS B 301 1.19 21.90 20.49
N THR B 302 2.10 21.64 19.53
CA THR B 302 2.06 22.30 18.22
C THR B 302 1.50 21.42 17.13
N VAL B 303 0.56 21.98 16.36
CA VAL B 303 0.02 21.26 15.19
C VAL B 303 -0.06 22.21 13.98
N GLU B 304 0.05 21.63 12.80
CA GLU B 304 -0.15 22.37 11.56
C GLU B 304 -1.06 21.52 10.69
N ALA B 305 -2.25 22.05 10.37
CA ALA B 305 -3.25 21.31 9.61
C ALA B 305 -3.36 21.83 8.19
N GLU B 306 -3.59 20.93 7.24
CA GLU B 306 -3.72 21.28 5.82
C GLU B 306 -4.48 20.20 5.09
N ALA B 307 -4.95 20.50 3.85
CA ALA B 307 -5.59 19.48 3.01
C ALA B 307 -4.41 18.61 2.52
N ALA B 308 -4.64 17.32 2.28
CA ALA B 308 -3.55 16.48 1.77
C ALA B 308 -3.32 16.62 0.23
N HIS B 309 -4.25 17.30 -0.49
CA HIS B 309 -4.13 17.52 -1.93
C HIS B 309 -3.35 18.82 -2.26
N GLY B 310 -3.19 19.08 -3.55
CA GLY B 310 -2.53 20.31 -4.02
C GLY B 310 -3.47 21.46 -4.31
N THR B 311 -3.00 22.38 -5.16
CA THR B 311 -3.71 23.61 -5.50
C THR B 311 -4.81 23.40 -6.54
N VAL B 312 -4.96 22.16 -7.09
CA VAL B 312 -6.00 21.82 -8.08
C VAL B 312 -5.88 22.72 -9.33
N THR B 313 -4.65 22.80 -9.86
CA THR B 313 -4.33 23.63 -11.02
C THR B 313 -5.31 23.42 -12.18
N ARG B 314 -5.68 22.16 -12.50
CA ARG B 314 -6.62 21.89 -13.59
C ARG B 314 -7.95 22.62 -13.42
N HIS B 315 -8.48 22.68 -12.17
CA HIS B 315 -9.72 23.41 -11.94
C HIS B 315 -9.50 24.90 -11.99
N TYR B 316 -8.35 25.38 -11.46
CA TYR B 316 -8.01 26.80 -11.48
C TYR B 316 -7.98 27.31 -12.93
N ARG B 317 -7.44 26.51 -13.87
CA ARG B 317 -7.37 26.90 -15.30
C ARG B 317 -8.75 27.12 -15.89
N MET B 318 -9.74 26.27 -15.48
CA MET B 318 -11.13 26.43 -15.92
C MET B 318 -11.72 27.68 -15.31
N TYR B 319 -11.48 27.91 -14.00
CA TYR B 319 -11.95 29.10 -13.30
C TYR B 319 -11.41 30.38 -13.99
N GLN B 320 -10.13 30.36 -14.42
CA GLN B 320 -9.51 31.52 -15.09
C GLN B 320 -10.18 31.86 -16.42
N LYS B 321 -10.75 30.84 -17.09
CA LYS B 321 -11.46 30.98 -18.36
C LYS B 321 -12.96 31.29 -18.15
N GLY B 322 -13.38 31.47 -16.90
CA GLY B 322 -14.77 31.75 -16.54
C GLY B 322 -15.67 30.53 -16.63
N GLN B 323 -15.07 29.34 -16.66
CA GLN B 323 -15.82 28.09 -16.76
C GLN B 323 -16.21 27.59 -15.38
N GLU B 324 -17.38 26.93 -15.29
CA GLU B 324 -17.88 26.40 -14.03
C GLU B 324 -16.91 25.35 -13.47
N THR B 325 -16.66 25.37 -12.15
CA THR B 325 -15.81 24.36 -11.53
C THR B 325 -16.60 23.66 -10.43
N SER B 326 -16.15 22.50 -9.98
CA SER B 326 -16.78 21.81 -8.86
C SER B 326 -15.60 21.24 -8.05
N THR B 327 -15.01 22.07 -7.20
CA THR B 327 -13.85 21.69 -6.41
C THR B 327 -14.31 21.42 -4.99
N ASN B 328 -13.89 20.29 -4.48
CA ASN B 328 -14.27 19.83 -3.14
C ASN B 328 -13.52 20.64 -2.04
N PRO B 329 -14.25 21.38 -1.17
CA PRO B 329 -13.57 22.17 -0.12
C PRO B 329 -13.41 21.43 1.20
N ILE B 330 -13.89 20.18 1.30
CA ILE B 330 -13.87 19.45 2.57
C ILE B 330 -12.54 19.36 3.25
N ALA B 331 -11.52 18.86 2.53
CA ALA B 331 -10.19 18.73 3.12
C ALA B 331 -9.68 20.08 3.66
N SER B 332 -9.96 21.19 2.93
CA SER B 332 -9.57 22.55 3.34
C SER B 332 -10.36 22.99 4.59
N ILE B 333 -11.67 22.68 4.62
CA ILE B 333 -12.52 23.01 5.79
C ILE B 333 -11.99 22.26 7.02
N PHE B 334 -11.65 20.96 6.85
CA PHE B 334 -11.15 20.17 7.98
C PHE B 334 -9.76 20.62 8.45
N ALA B 335 -9.00 21.31 7.61
CA ALA B 335 -7.73 21.91 8.08
C ALA B 335 -8.13 23.00 9.10
N TRP B 336 -9.16 23.82 8.77
CA TRP B 336 -9.66 24.84 9.71
C TRP B 336 -10.24 24.22 10.99
N THR B 337 -11.07 23.20 10.86
CA THR B 337 -11.72 22.59 12.03
C THR B 337 -10.74 21.87 12.93
N ARG B 338 -9.72 21.24 12.36
CA ARG B 338 -8.69 20.57 13.17
C ARG B 338 -7.82 21.56 13.88
N GLY B 339 -7.46 22.66 13.22
CA GLY B 339 -6.69 23.74 13.84
C GLY B 339 -7.46 24.39 14.96
N LEU B 340 -8.74 24.73 14.70
CA LEU B 340 -9.60 25.35 15.71
C LEU B 340 -9.89 24.41 16.88
N ALA B 341 -10.05 23.10 16.62
CA ALA B 341 -10.28 22.13 17.72
C ALA B 341 -9.04 22.04 18.62
N HIS B 342 -7.82 22.10 18.01
CA HIS B 342 -6.57 22.05 18.78
C HIS B 342 -6.42 23.33 19.62
N ARG B 343 -6.67 24.49 19.01
CA ARG B 343 -6.64 25.79 19.69
C ARG B 343 -7.59 25.74 20.91
N ALA B 344 -8.81 25.19 20.72
CA ALA B 344 -9.84 25.10 21.76
C ALA B 344 -9.36 24.22 22.91
N LYS B 345 -8.67 23.11 22.59
CA LYS B 345 -8.12 22.16 23.57
C LYS B 345 -7.03 22.82 24.38
N LEU B 346 -6.11 23.57 23.72
CA LEU B 346 -5.03 24.27 24.42
C LEU B 346 -5.56 25.35 25.37
N ASP B 347 -6.65 26.04 24.96
CA ASP B 347 -7.22 27.18 25.68
C ASP B 347 -8.39 26.85 26.58
N ASN B 348 -8.83 25.56 26.61
CA ASN B 348 -10.03 25.11 27.32
C ASN B 348 -11.23 25.96 26.88
N ASN B 349 -11.38 26.15 25.56
CA ASN B 349 -12.41 26.99 24.99
C ASN B 349 -13.58 26.13 24.53
N LYS B 350 -14.60 25.95 25.39
CA LYS B 350 -15.74 25.08 25.08
C LYS B 350 -16.57 25.50 23.87
N GLU B 351 -16.76 26.82 23.69
CA GLU B 351 -17.55 27.37 22.59
C GLU B 351 -16.83 27.12 21.25
N LEU B 352 -15.50 27.28 21.25
CA LEU B 352 -14.74 27.05 20.02
C LEU B 352 -14.70 25.57 19.71
N ALA B 353 -14.56 24.71 20.74
CA ALA B 353 -14.54 23.26 20.54
C ALA B 353 -15.86 22.80 19.93
N PHE B 354 -16.99 23.33 20.41
CA PHE B 354 -18.31 23.00 19.89
C PHE B 354 -18.42 23.43 18.44
N PHE B 355 -18.01 24.67 18.14
CA PHE B 355 -18.09 25.19 16.78
C PHE B 355 -17.32 24.29 15.78
N ALA B 356 -16.06 23.93 16.11
CA ALA B 356 -15.20 23.11 15.24
C ALA B 356 -15.85 21.78 14.96
N ASN B 357 -16.43 21.14 16.00
CA ASN B 357 -17.15 19.87 15.82
C ASN B 357 -18.41 20.06 14.99
N ALA B 358 -19.20 21.13 15.27
CA ALA B 358 -20.44 21.40 14.52
C ALA B 358 -20.15 21.56 13.03
N LEU B 359 -19.06 22.28 12.69
CA LEU B 359 -18.72 22.51 11.27
C LEU B 359 -18.34 21.19 10.57
N GLU B 360 -17.65 20.30 11.28
CA GLU B 360 -17.31 19.00 10.69
C GLU B 360 -18.58 18.23 10.45
N GLU B 361 -19.51 18.24 11.44
CA GLU B 361 -20.77 17.52 11.29
C GLU B 361 -21.60 18.06 10.15
N VAL B 362 -21.68 19.39 10.00
CA VAL B 362 -22.43 20.03 8.90
C VAL B 362 -21.86 19.57 7.54
N SER B 363 -20.54 19.56 7.42
CA SER B 363 -19.86 19.20 6.17
C SER B 363 -20.23 17.76 5.75
N ILE B 364 -20.13 16.83 6.70
CA ILE B 364 -20.44 15.41 6.46
C ILE B 364 -21.93 15.24 6.18
N GLU B 365 -22.79 15.88 7.01
CA GLU B 365 -24.27 15.79 6.85
C GLU B 365 -24.71 16.29 5.50
N THR B 366 -24.13 17.40 5.03
CA THR B 366 -24.51 18.01 3.74
C THR B 366 -24.30 16.99 2.60
N ILE B 367 -23.14 16.34 2.59
CA ILE B 367 -22.81 15.31 1.60
C ILE B 367 -23.75 14.11 1.76
N GLU B 368 -23.94 13.67 3.01
CA GLU B 368 -24.82 12.53 3.33
C GLU B 368 -26.29 12.78 2.95
N ALA B 369 -26.70 14.07 2.87
CA ALA B 369 -28.03 14.48 2.43
C ALA B 369 -28.14 14.56 0.91
N GLY B 370 -27.03 14.29 0.21
CA GLY B 370 -27.01 14.25 -1.25
C GLY B 370 -26.54 15.50 -1.97
N PHE B 371 -25.97 16.48 -1.23
CA PHE B 371 -25.45 17.73 -1.80
C PHE B 371 -23.93 17.62 -1.80
N MET B 372 -23.31 17.56 -2.98
CA MET B 372 -21.87 17.31 -3.05
C MET B 372 -21.28 17.84 -4.34
N THR B 373 -19.96 17.91 -4.39
CA THR B 373 -19.21 18.32 -5.59
C THR B 373 -19.08 17.12 -6.52
N LYS B 374 -18.72 17.40 -7.77
CA LYS B 374 -18.60 16.39 -8.83
C LYS B 374 -17.76 15.18 -8.54
N ASP B 375 -16.61 15.36 -7.86
CA ASP B 375 -15.72 14.24 -7.48
C ASP B 375 -16.48 13.19 -6.67
N LEU B 376 -17.31 13.64 -5.72
CA LEU B 376 -18.08 12.71 -4.90
C LEU B 376 -19.27 12.11 -5.65
N ALA B 377 -19.93 12.91 -6.51
CA ALA B 377 -21.04 12.40 -7.33
C ALA B 377 -20.49 11.27 -8.23
N ALA B 378 -19.23 11.42 -8.72
CA ALA B 378 -18.57 10.38 -9.55
C ALA B 378 -18.28 9.09 -8.75
N CYS B 379 -17.99 9.23 -7.45
CA CYS B 379 -17.78 8.07 -6.58
C CYS B 379 -19.04 7.25 -6.48
N ILE B 380 -20.20 7.91 -6.41
CA ILE B 380 -21.50 7.26 -6.28
C ILE B 380 -21.99 6.69 -7.61
N LYS B 381 -22.05 7.54 -8.64
CA LYS B 381 -22.63 7.16 -9.94
C LYS B 381 -21.68 6.49 -10.92
N GLY B 382 -20.38 6.75 -10.76
CA GLY B 382 -19.35 6.34 -11.70
C GLY B 382 -19.21 7.52 -12.65
N LEU B 383 -17.98 7.94 -12.97
CA LEU B 383 -17.78 9.09 -13.86
C LEU B 383 -18.57 9.04 -15.19
N PRO B 384 -18.70 7.89 -15.91
CA PRO B 384 -19.47 7.90 -17.18
C PRO B 384 -20.95 8.23 -17.02
N ASN B 385 -21.52 8.07 -15.81
CA ASN B 385 -22.94 8.33 -15.61
C ASN B 385 -23.27 9.52 -14.71
N VAL B 386 -22.28 10.39 -14.42
CA VAL B 386 -22.57 11.61 -13.62
C VAL B 386 -23.26 12.63 -14.52
N GLN B 387 -24.31 13.26 -14.01
CA GLN B 387 -25.03 14.30 -14.74
C GLN B 387 -24.88 15.57 -13.93
N ARG B 388 -25.08 16.72 -14.58
CA ARG B 388 -25.02 18.03 -13.93
C ARG B 388 -25.93 18.11 -12.69
N SER B 389 -27.13 17.49 -12.74
CA SER B 389 -28.07 17.48 -11.62
C SER B 389 -27.60 16.68 -10.38
N ASP B 390 -26.52 15.90 -10.51
CA ASP B 390 -26.01 15.09 -9.39
C ASP B 390 -25.10 15.87 -8.45
N TYR B 391 -24.63 17.05 -8.88
CA TYR B 391 -23.67 17.76 -8.06
C TYR B 391 -23.89 19.26 -8.02
N LEU B 392 -23.13 19.94 -7.14
CA LEU B 392 -23.15 21.39 -7.00
C LEU B 392 -21.79 21.91 -7.46
N ASN B 393 -21.77 23.13 -8.07
CA ASN B 393 -20.49 23.70 -8.45
C ASN B 393 -19.80 24.21 -7.16
N THR B 394 -18.53 24.64 -7.25
CA THR B 394 -17.75 25.12 -6.09
C THR B 394 -18.50 26.11 -5.18
N PHE B 395 -19.12 27.13 -5.81
CA PHE B 395 -19.82 28.21 -5.12
C PHE B 395 -21.17 27.79 -4.55
N GLU B 396 -21.94 27.02 -5.29
CA GLU B 396 -23.22 26.47 -4.83
C GLU B 396 -23.00 25.56 -3.62
N PHE B 397 -21.93 24.75 -3.64
CA PHE B 397 -21.66 23.83 -2.51
C PHE B 397 -21.27 24.61 -1.26
N MET B 398 -20.43 25.66 -1.41
CA MET B 398 -20.05 26.52 -0.28
C MET B 398 -21.28 27.24 0.32
N ASP B 399 -22.20 27.68 -0.55
CA ASP B 399 -23.45 28.34 -0.11
C ASP B 399 -24.33 27.38 0.66
N LYS B 400 -24.44 26.12 0.18
CA LYS B 400 -25.24 25.10 0.88
C LYS B 400 -24.66 24.82 2.27
N LEU B 401 -23.32 24.69 2.37
CA LEU B 401 -22.64 24.49 3.66
C LEU B 401 -22.92 25.66 4.61
N GLY B 402 -22.84 26.88 4.08
CA GLY B 402 -23.12 28.10 4.85
C GLY B 402 -24.53 28.10 5.42
N GLU B 403 -25.53 27.74 4.58
CA GLU B 403 -26.94 27.66 5.01
C GLU B 403 -27.13 26.59 6.08
N ASN B 404 -26.48 25.42 5.91
CA ASN B 404 -26.63 24.33 6.88
C ASN B 404 -25.94 24.64 8.20
N LEU B 405 -24.80 25.37 8.15
CA LEU B 405 -24.09 25.77 9.37
C LEU B 405 -24.93 26.73 10.19
N LYS B 406 -25.56 27.71 9.53
CA LYS B 406 -26.44 28.66 10.22
C LYS B 406 -27.60 27.90 10.93
N ILE B 407 -28.18 26.89 10.25
CA ILE B 407 -29.27 26.03 10.80
C ILE B 407 -28.80 25.24 12.00
N LYS B 408 -27.62 24.62 11.89
CA LYS B 408 -27.02 23.80 12.95
C LYS B 408 -26.77 24.62 14.22
N LEU B 409 -26.13 25.78 14.06
CA LEU B 409 -25.81 26.64 15.20
C LEU B 409 -27.07 27.25 15.85
N ALA B 410 -28.15 27.48 15.07
CA ALA B 410 -29.45 27.93 15.58
C ALA B 410 -30.09 26.79 16.42
N GLN B 411 -30.04 25.53 15.94
CA GLN B 411 -30.60 24.38 16.68
C GLN B 411 -29.86 24.15 18.00
N ALA B 412 -28.54 24.39 18.00
CA ALA B 412 -27.68 24.24 19.16
C ALA B 412 -28.04 25.22 20.28
N LYS B 413 -28.52 26.42 19.91
CA LYS B 413 -28.92 27.49 20.85
C LYS B 413 -30.21 27.15 21.58
N LEU B 414 -31.08 26.25 21.00
CA LEU B 414 -32.38 25.78 21.54
C LEU B 414 -33.13 24.90 20.52
C1 VVS C . -3.70 -3.27 -7.06
C2 VVS C . -3.73 -2.02 -7.69
C3 VVS C . -2.84 -3.43 -5.96
C4 VVS C . -4.44 -4.46 -7.64
C5 VVS C . -3.01 -0.92 -7.23
C6 VVS C . -2.08 -2.35 -5.48
O7 VVS C . -2.72 -4.64 -5.36
N8 VVS C . -5.61 -4.85 -6.86
C9 VVS C . -2.20 -1.12 -6.12
C10 VVS C . -3.07 0.44 -7.95
C11 VVS C . -1.16 -2.54 -4.29
C12 VVS C . -6.89 -4.34 -6.97
C13 VVS C . -5.68 -5.82 -5.93
C14 VVS C . -1.64 0.93 -8.47
C15 VVS C . -4.06 0.43 -9.13
C16 VVS C . -3.55 1.55 -6.99
N17 VVS C . -0.35 -1.36 -3.96
C18 VVS C . -7.63 -5.03 -6.08
N19 VVS C . -6.87 -5.96 -5.43
C20 VVS C . -0.62 0.28 -9.46
C21 VVS C . -0.61 -0.42 -2.99
C22 VVS C . 0.83 -1.01 -4.53
C23 VVS C . -0.52 -1.23 -9.32
C24 VVS C . -0.92 0.60 -10.92
C25 VVS C . 0.73 0.90 -9.10
C26 VVS C . 0.41 0.46 -3.06
N27 VVS C . 1.31 0.10 -4.03
PA NAP D . -7.23 -16.25 4.84
O1A NAP D . -6.78 -15.61 3.58
O2A NAP D . -7.21 -17.75 4.73
O5B NAP D . -8.69 -15.77 5.20
C5B NAP D . -8.93 -14.43 5.68
C4B NAP D . -10.38 -14.09 5.41
O4B NAP D . -10.52 -13.66 4.03
C3B NAP D . -11.36 -15.25 5.58
O3B NAP D . -11.74 -15.46 6.92
C2B NAP D . -12.48 -14.77 4.67
O2B NAP D . -13.20 -13.64 5.23
C1B NAP D . -11.72 -14.20 3.50
N9A NAP D . -11.39 -15.22 2.51
C8A NAP D . -10.12 -15.67 2.18
N7A NAP D . -10.10 -16.55 1.22
C5A NAP D . -11.45 -16.71 0.89
C6A NAP D . -12.09 -17.54 -0.05
N6A NAP D . -11.43 -18.39 -0.86
N1A NAP D . -13.44 -17.49 -0.11
C2A NAP D . -14.10 -16.66 0.72
N3A NAP D . -13.59 -15.85 1.65
C4A NAP D . -12.24 -15.91 1.69
O3 NAP D . -6.23 -15.76 6.00
PN NAP D . -6.03 -16.13 7.54
O1N NAP D . -5.27 -15.03 8.15
O2N NAP D . -7.34 -16.54 8.09
O5D NAP D . -5.01 -17.37 7.40
C5D NAP D . -5.45 -18.72 7.63
C4D NAP D . -4.27 -19.66 7.49
O4D NAP D . -3.69 -19.47 6.17
C3D NAP D . -3.13 -19.43 8.49
O3D NAP D . -2.72 -20.64 9.09
C2D NAP D . -2.05 -18.77 7.63
O2D NAP D . -0.73 -19.16 8.00
C1D NAP D . -2.30 -19.42 6.27
N1N NAP D . -1.83 -18.63 5.09
C2N NAP D . -1.29 -19.41 4.08
C3N NAP D . -1.01 -18.86 2.84
C7N NAP D . -0.54 -19.79 1.72
O7N NAP D . -0.31 -21.03 1.98
N7N NAP D . -0.30 -19.25 0.53
C4N NAP D . -1.24 -17.49 2.65
C5N NAP D . -1.75 -16.72 3.68
C6N NAP D . -2.05 -17.30 4.90
P2B NAP D . -14.48 -13.66 6.13
O1X NAP D . -15.05 -12.29 6.38
O2X NAP D . -15.39 -14.66 5.45
O3X NAP D . -13.96 -14.27 7.43
PA NAP E . -3.65 18.19 -6.99
O1A NAP E . -3.82 17.42 -5.74
O2A NAP E . -3.79 19.68 -6.77
O5B NAP E . -4.72 17.77 -8.06
C5B NAP E . -4.65 16.53 -8.79
C4B NAP E . -6.04 16.16 -9.24
O4B NAP E . -6.76 15.57 -8.12
C3B NAP E . -6.91 17.33 -9.68
O3B NAP E . -6.68 17.73 -11.02
C2B NAP E . -8.30 16.76 -9.43
O2B NAP E . -8.65 15.75 -10.39
C1B NAP E . -8.11 16.01 -8.12
N9A NAP E . -8.36 16.85 -6.95
C8A NAP E . -7.44 17.25 -6.01
N7A NAP E . -7.94 17.99 -5.05
C5A NAP E . -9.29 18.09 -5.38
C6A NAP E . -10.36 18.77 -4.77
N6A NAP E . -10.24 19.47 -3.64
N1A NAP E . -11.57 18.69 -5.38
C2A NAP E . -11.68 17.99 -6.51
N3A NAP E . -10.74 17.31 -7.17
C4A NAP E . -9.55 17.39 -6.54
O3 NAP E . -2.18 17.86 -7.54
PN NAP E . -1.33 18.39 -8.79
O1N NAP E . -0.33 17.34 -9.11
O2N NAP E . -2.25 18.88 -9.85
O5D NAP E . -0.56 19.62 -8.13
C5D NAP E . -0.99 20.97 -8.41
C4D NAP E . -0.12 21.91 -7.60
O4D NAP E . -0.23 21.60 -6.20
C3D NAP E . 1.37 21.91 -7.93
O3D NAP E . 1.86 23.24 -8.12
C2D NAP E . 1.98 21.20 -6.72
O2D NAP E . 3.27 21.67 -6.36
C1D NAP E . 1.04 21.64 -5.59
N1N NAP E . 1.00 20.67 -4.42
C2N NAP E . 0.93 21.26 -3.15
C3N NAP E . 0.72 20.49 -2.02
C7N NAP E . 0.62 21.15 -0.65
O7N NAP E . 0.80 22.43 -0.54
N7N NAP E . 0.40 20.37 0.41
C4N NAP E . 0.61 19.11 -2.16
C5N NAP E . 0.69 18.52 -3.42
C6N NAP E . 0.89 19.32 -4.56
P2B NAP E . -9.34 15.91 -11.79
O1X NAP E . -9.70 14.58 -12.42
O2X NAP E . -10.50 16.80 -11.51
O3X NAP E . -8.27 16.67 -12.59
C1 GOL F . 6.60 18.52 0.92
O1 GOL F . 7.85 18.64 0.26
C2 GOL F . 5.43 18.41 -0.03
O2 GOL F . 4.23 18.20 0.72
C3 GOL F . 5.25 19.63 -0.91
O3 GOL F . 4.95 19.28 -2.25
#